data_7EDO
#
_entry.id   7EDO
#
_cell.length_a   193.633
_cell.length_b   193.633
_cell.length_c   193.633
_cell.angle_alpha   90.000
_cell.angle_beta   90.000
_cell.angle_gamma   90.000
#
_symmetry.space_group_name_H-M   'I 2 3'
#
loop_
_entity.id
_entity.type
_entity.pdbx_description
1 polymer 'MHC class I antigen'
2 polymer Beta-2-microglobulin
3 polymer CYS-ASN-VAL-THR-LEU-ASN-TYR-PRO
4 polymer Beta-2-microglobulin
5 water water
#
loop_
_entity_poly.entity_id
_entity_poly.type
_entity_poly.pdbx_seq_one_letter_code
_entity_poly.pdbx_strand_id
1 'polypeptide(L)'
;MGSFVRSLLLFGTLAVPETWAGSHSLRYFYTAVSGPELREPRFLSVGYVDEQQFVRFDSASESPREEPRAKWIERVGEED
PEYWERQTGILRRNTQVFRVGLETLRGYFNQSAGGVHTLQTMYGCELTPELTFTRGFDQSAYDGRDYISLDTDTYTWTAT
APQAVNTKRKWEADRSIAEGWKAYLEETCVLWLKKYLEMGKDTLGRTDPPSARVTHHTDPNGDVTLRCRAQDFYPADISL
MWLRDGEEQLQDTEFIETRPAGDGTFQKWAAVQMTPGQEGKYTCRVQHEGLPEPLSLKWEPQSPSIWLIVGVIASVLCII
IAVIAGVVIWRQKNSGEKGGNYVQAAASDSAQGSDVSLTARA
;
A,D
2 'polypeptide(L)'
;MIQRTPKIQVYSRHPAENGKSNFLNCYVSGFHPSDIEVDLLKNGERIEKVEHSDLSFSKDWSFYLLYYTEFTPTEKDEYA
CRVNHVTLSQPKIVKWDRDM
;
B
3 'polypeptide(L)' CNVTLNYP C,F
4 'polypeptide(L)'
;IQRTPKIQVYSRHPAENGKSNFLNCYVSGFHPSDIEVDLLKNGERIEKVEHSDLSFSKDWSFYLLYYTEFTPTEKDEYAC
RVNHVTLSQPKIVKWDRDM
;
E
#
# COMPACT_ATOMS: atom_id res chain seq x y z
N GLY A 22 7.97 -13.58 -18.31
CA GLY A 22 8.52 -13.40 -19.64
C GLY A 22 9.91 -13.99 -19.71
N SER A 23 10.87 -13.19 -20.17
CA SER A 23 12.26 -13.60 -20.14
C SER A 23 12.70 -13.86 -18.72
N HIS A 24 13.77 -14.64 -18.59
CA HIS A 24 14.45 -14.76 -17.33
C HIS A 24 15.91 -14.37 -17.52
N SER A 25 16.59 -14.02 -16.44
CA SER A 25 17.99 -13.68 -16.56
C SER A 25 18.64 -13.71 -15.20
N LEU A 26 19.97 -13.83 -15.23
CA LEU A 26 20.83 -13.74 -14.07
C LEU A 26 21.92 -12.75 -14.42
N ARG A 27 22.03 -11.66 -13.67
CA ARG A 27 22.98 -10.61 -14.04
C ARG A 27 23.77 -10.13 -12.84
N TYR A 28 25.03 -9.81 -13.07
CA TYR A 28 25.86 -9.19 -12.04
C TYR A 28 26.31 -7.81 -12.51
N PHE A 29 26.41 -6.90 -11.56
CA PHE A 29 26.81 -5.51 -11.84
C PHE A 29 27.97 -5.16 -10.92
N TYR A 30 29.14 -4.91 -11.51
CA TYR A 30 30.34 -4.55 -10.75
C TYR A 30 30.71 -3.09 -10.99
N THR A 31 30.94 -2.35 -9.91
CA THR A 31 31.35 -0.95 -9.99
C THR A 31 32.55 -0.71 -9.09
N ALA A 32 33.63 -0.16 -9.66
CA ALA A 32 34.80 0.26 -8.89
C ALA A 32 35.09 1.72 -9.17
N VAL A 33 35.35 2.50 -8.09
CA VAL A 33 35.60 3.94 -8.16
C VAL A 33 36.86 4.29 -7.38
N SER A 34 37.71 5.10 -8.00
CA SER A 34 38.87 5.68 -7.33
C SER A 34 38.52 7.09 -6.86
N GLY A 35 39.22 7.54 -5.82
CA GLY A 35 39.01 8.88 -5.35
C GLY A 35 40.11 9.46 -4.48
N PRO A 36 40.16 10.79 -4.43
CA PRO A 36 40.90 11.48 -3.36
C PRO A 36 40.36 11.17 -1.98
N GLU A 37 39.06 10.91 -1.87
CA GLU A 37 38.45 10.52 -0.61
C GLU A 37 38.87 9.11 -0.17
N LEU A 38 39.24 8.25 -1.13
CA LEU A 38 39.45 6.83 -0.89
C LEU A 38 40.93 6.50 -1.00
N ARG A 39 41.46 5.75 -0.05
CA ARG A 39 42.88 5.40 -0.12
C ARG A 39 43.12 4.41 -1.24
N GLU A 40 42.44 3.27 -1.21
CA GLU A 40 42.33 2.40 -2.36
C GLU A 40 40.96 2.54 -3.00
N PRO A 41 40.84 2.22 -4.28
CA PRO A 41 39.52 2.30 -4.92
C PRO A 41 38.55 1.29 -4.35
N ARG A 42 37.26 1.63 -4.42
CA ARG A 42 36.21 0.86 -3.76
C ARG A 42 35.48 0.03 -4.80
N PHE A 43 35.08 -1.18 -4.41
CA PHE A 43 34.45 -2.13 -5.31
C PHE A 43 33.09 -2.54 -4.77
N LEU A 44 32.06 -2.43 -5.60
CA LEU A 44 30.68 -2.77 -5.23
C LEU A 44 30.08 -3.69 -6.28
N SER A 45 29.18 -4.53 -5.83
CA SER A 45 28.64 -5.57 -6.69
C SER A 45 27.22 -5.87 -6.26
N VAL A 46 26.31 -6.03 -7.22
CA VAL A 46 24.98 -6.58 -6.96
C VAL A 46 24.72 -7.69 -7.95
N GLY A 47 23.86 -8.61 -7.54
CA GLY A 47 23.38 -9.65 -8.43
C GLY A 47 21.87 -9.66 -8.47
N TYR A 48 21.32 -9.88 -9.66
CA TYR A 48 19.89 -9.92 -9.90
C TYR A 48 19.51 -11.24 -10.55
N VAL A 49 18.46 -11.85 -10.02
CA VAL A 49 17.67 -12.82 -10.76
C VAL A 49 16.42 -12.09 -11.23
N ASP A 50 16.20 -12.07 -12.54
CA ASP A 50 15.09 -11.33 -13.15
C ASP A 50 15.20 -9.89 -12.68
N GLU A 51 14.16 -9.28 -12.12
CA GLU A 51 14.30 -7.91 -11.65
C GLU A 51 14.52 -7.81 -10.14
N GLN A 52 14.77 -8.92 -9.47
CA GLN A 52 14.90 -8.92 -8.01
C GLN A 52 16.36 -9.07 -7.64
N GLN A 53 16.80 -8.23 -6.71
CA GLN A 53 18.18 -8.27 -6.26
C GLN A 53 18.32 -9.32 -5.15
N PHE A 54 19.37 -10.14 -5.24
CA PHE A 54 19.50 -11.23 -4.29
C PHE A 54 20.83 -11.30 -3.57
N VAL A 55 21.88 -10.60 -4.03
CA VAL A 55 23.16 -10.58 -3.34
C VAL A 55 23.80 -9.21 -3.52
N ARG A 56 24.78 -8.91 -2.67
CA ARG A 56 25.54 -7.66 -2.75
C ARG A 56 26.88 -7.84 -2.07
N PHE A 57 27.81 -6.93 -2.36
CA PHE A 57 29.15 -6.96 -1.83
C PHE A 57 29.76 -5.57 -1.92
N ASP A 58 30.44 -5.16 -0.86
CA ASP A 58 31.07 -3.84 -0.75
C ASP A 58 32.48 -4.03 -0.21
N SER A 59 33.49 -3.68 -1.01
CA SER A 59 34.88 -3.79 -0.59
C SER A 59 35.19 -3.01 0.69
N ALA A 60 34.35 -2.05 1.08
CA ALA A 60 34.63 -1.14 2.17
C ALA A 60 33.93 -1.51 3.48
N SER A 61 33.26 -2.65 3.56
CA SER A 61 32.75 -3.11 4.85
C SER A 61 33.91 -3.48 5.76
N GLU A 62 33.58 -3.73 7.03
CA GLU A 62 34.60 -4.16 7.99
C GLU A 62 35.28 -5.43 7.50
N SER A 63 34.50 -6.50 7.34
CA SER A 63 34.99 -7.73 6.70
C SER A 63 34.16 -7.95 5.44
N PRO A 64 34.59 -7.42 4.30
CA PRO A 64 33.78 -7.53 3.08
C PRO A 64 33.46 -8.97 2.71
N ARG A 65 32.19 -9.21 2.43
CA ARG A 65 31.64 -10.54 2.27
C ARG A 65 30.39 -10.40 1.41
N GLU A 66 30.15 -11.37 0.53
CA GLU A 66 28.89 -11.35 -0.21
C GLU A 66 27.74 -11.71 0.72
N GLU A 67 26.67 -10.91 0.70
CA GLU A 67 25.56 -11.07 1.63
C GLU A 67 24.23 -11.27 0.91
N PRO A 68 23.34 -12.06 1.50
CA PRO A 68 22.02 -12.26 0.89
C PRO A 68 21.20 -10.97 0.96
N ARG A 69 20.37 -10.76 -0.05
CA ARG A 69 19.43 -9.65 -0.01
C ARG A 69 18.04 -10.05 -0.47
N ALA A 70 17.82 -11.31 -0.76
CA ALA A 70 16.51 -11.86 -0.97
C ALA A 70 16.35 -12.99 0.04
N LYS A 71 15.11 -13.25 0.46
CA LYS A 71 14.90 -14.28 1.48
C LYS A 71 15.16 -15.68 0.93
N TRP A 72 14.94 -15.91 -0.36
CA TRP A 72 15.06 -17.27 -0.86
C TRP A 72 16.51 -17.72 -1.04
N ILE A 73 17.49 -16.81 -1.05
CA ILE A 73 18.89 -17.22 -1.24
C ILE A 73 19.55 -17.68 0.06
N GLU A 74 18.97 -17.38 1.24
CA GLU A 74 19.52 -17.94 2.48
C GLU A 74 19.38 -19.46 2.52
N ARG A 75 18.49 -20.02 1.71
CA ARG A 75 18.42 -21.47 1.52
C ARG A 75 19.75 -22.03 1.03
N VAL A 76 20.46 -21.29 0.16
CA VAL A 76 21.46 -21.89 -0.73
C VAL A 76 22.49 -22.70 0.06
N GLY A 77 22.75 -22.34 1.31
CA GLY A 77 23.86 -22.92 2.04
C GLY A 77 23.62 -24.35 2.47
N GLU A 78 22.37 -24.74 2.67
CA GLU A 78 22.09 -26.05 3.19
C GLU A 78 22.20 -27.17 2.14
N GLU A 79 22.38 -26.83 0.86
CA GLU A 79 22.80 -27.82 -0.13
C GLU A 79 23.92 -27.26 -0.99
N ASP A 80 24.78 -26.43 -0.39
CA ASP A 80 25.98 -25.83 -0.96
C ASP A 80 26.67 -25.03 0.13
N PRO A 81 27.26 -25.69 1.13
CA PRO A 81 27.65 -24.98 2.36
C PRO A 81 28.68 -23.89 2.14
N GLU A 82 29.59 -24.06 1.19
CA GLU A 82 30.64 -23.09 1.00
C GLU A 82 30.25 -21.98 0.04
N TYR A 83 28.96 -21.87 -0.30
CA TYR A 83 28.48 -20.88 -1.26
C TYR A 83 28.97 -19.47 -0.92
N TRP A 84 28.67 -19.00 0.30
CA TRP A 84 29.00 -17.61 0.62
C TRP A 84 30.50 -17.41 0.71
N GLU A 85 31.23 -18.40 1.21
CA GLU A 85 32.68 -18.30 1.23
C GLU A 85 33.25 -18.20 -0.18
N ARG A 86 32.76 -19.05 -1.08
CA ARG A 86 33.28 -19.07 -2.44
C ARG A 86 33.11 -17.70 -3.10
N GLN A 87 31.85 -17.23 -3.19
CA GLN A 87 31.56 -15.93 -3.77
C GLN A 87 32.45 -14.85 -3.18
N THR A 88 32.60 -14.85 -1.85
CA THR A 88 33.41 -13.85 -1.17
C THR A 88 34.83 -13.83 -1.72
N GLY A 89 35.48 -14.99 -1.78
CA GLY A 89 36.82 -15.05 -2.36
C GLY A 89 36.86 -14.50 -3.77
N ILE A 90 35.90 -14.91 -4.61
CA ILE A 90 35.83 -14.38 -5.96
C ILE A 90 35.74 -12.85 -5.94
N LEU A 91 34.91 -12.31 -5.04
CA LEU A 91 34.72 -10.86 -5.05
C LEU A 91 35.89 -10.12 -4.41
N ARG A 92 36.56 -10.72 -3.41
CA ARG A 92 37.80 -10.11 -2.92
C ARG A 92 38.84 -10.05 -4.02
N ARG A 93 38.95 -11.11 -4.81
CA ARG A 93 39.92 -11.11 -5.91
C ARG A 93 39.46 -10.20 -7.05
N ASN A 94 38.15 -10.13 -7.30
CA ASN A 94 37.68 -9.16 -8.29
C ASN A 94 37.97 -7.74 -7.83
N THR A 95 37.91 -7.49 -6.52
CA THR A 95 38.33 -6.19 -6.00
C THR A 95 39.73 -5.82 -6.47
N GLN A 96 40.70 -6.73 -6.31
CA GLN A 96 42.04 -6.36 -6.78
C GLN A 96 42.11 -6.32 -8.30
N VAL A 97 41.33 -7.15 -8.99
CA VAL A 97 41.34 -7.10 -10.45
C VAL A 97 40.93 -5.72 -10.95
N PHE A 98 39.97 -5.07 -10.27
CA PHE A 98 39.48 -3.78 -10.74
C PHE A 98 40.39 -2.64 -10.33
N ARG A 99 40.97 -2.72 -9.13
CA ARG A 99 41.98 -1.75 -8.74
C ARG A 99 43.14 -1.73 -9.73
N VAL A 100 43.74 -2.89 -9.99
CA VAL A 100 44.74 -3.01 -11.04
C VAL A 100 44.23 -2.40 -12.34
N GLY A 101 42.98 -2.72 -12.68
CA GLY A 101 42.43 -2.26 -13.96
C GLY A 101 42.24 -0.75 -14.01
N LEU A 102 41.87 -0.15 -12.88
CA LEU A 102 41.75 1.30 -12.85
C LEU A 102 43.09 1.95 -13.14
N GLU A 103 44.18 1.33 -12.66
CA GLU A 103 45.52 1.88 -12.89
C GLU A 103 45.98 1.65 -14.32
N THR A 104 45.77 0.43 -14.85
CA THR A 104 46.12 0.15 -16.23
C THR A 104 45.42 1.11 -17.18
N LEU A 105 44.11 1.29 -17.00
CA LEU A 105 43.35 2.10 -17.94
C LEU A 105 43.71 3.57 -17.83
N ARG A 106 43.99 4.04 -16.62
CA ARG A 106 44.51 5.40 -16.46
C ARG A 106 45.64 5.64 -17.46
N GLY A 107 46.63 4.75 -17.47
CA GLY A 107 47.70 4.82 -18.46
C GLY A 107 47.20 4.84 -19.90
N TYR A 108 46.24 3.96 -20.23
CA TYR A 108 45.74 3.92 -21.61
C TYR A 108 45.22 5.27 -22.04
N PHE A 109 44.55 5.98 -21.14
CA PHE A 109 43.96 7.27 -21.46
C PHE A 109 44.86 8.43 -21.04
N ASN A 110 46.13 8.16 -20.77
CA ASN A 110 47.12 9.11 -20.25
C ASN A 110 46.51 10.20 -19.38
N GLN A 111 46.19 9.87 -18.14
CA GLN A 111 45.48 10.77 -17.24
C GLN A 111 46.32 11.01 -15.99
N SER A 112 46.17 12.18 -15.40
CA SER A 112 46.82 12.43 -14.13
C SER A 112 46.34 11.44 -13.07
N ALA A 113 47.21 11.14 -12.13
CA ALA A 113 46.78 10.42 -10.95
C ALA A 113 45.95 11.35 -10.07
N GLY A 114 45.26 10.76 -9.10
CA GLY A 114 44.52 11.51 -8.10
C GLY A 114 43.04 11.72 -8.40
N GLY A 115 42.59 11.45 -9.62
CA GLY A 115 41.27 11.83 -10.05
C GLY A 115 40.17 10.94 -9.46
N VAL A 116 38.96 11.21 -9.93
CA VAL A 116 37.81 10.34 -9.70
C VAL A 116 37.57 9.54 -10.99
N HIS A 117 37.59 8.22 -10.88
CA HIS A 117 37.39 7.40 -12.06
C HIS A 117 36.55 6.19 -11.71
N THR A 118 35.81 5.71 -12.72
CA THR A 118 34.81 4.68 -12.58
C THR A 118 35.06 3.63 -13.64
N LEU A 119 35.04 2.37 -13.21
CA LEU A 119 35.14 1.23 -14.09
C LEU A 119 34.02 0.25 -13.74
N GLN A 120 33.28 -0.19 -14.75
CA GLN A 120 32.06 -0.95 -14.55
C GLN A 120 32.06 -2.19 -15.44
N THR A 121 31.36 -3.23 -14.98
CA THR A 121 31.14 -4.43 -15.78
C THR A 121 29.82 -5.05 -15.39
N MET A 122 29.02 -5.41 -16.39
CA MET A 122 27.85 -6.26 -16.18
C MET A 122 28.00 -7.50 -17.03
N TYR A 123 27.56 -8.63 -16.50
CA TYR A 123 27.58 -9.87 -17.25
C TYR A 123 26.42 -10.75 -16.79
N GLY A 124 26.01 -11.67 -17.65
CA GLY A 124 25.05 -12.67 -17.25
C GLY A 124 24.40 -13.31 -18.46
N CYS A 125 23.33 -14.06 -18.19
CA CYS A 125 22.65 -14.85 -19.22
C CYS A 125 21.13 -14.68 -19.16
N GLU A 126 20.48 -14.99 -20.29
CA GLU A 126 19.03 -14.88 -20.43
C GLU A 126 18.42 -16.13 -21.02
N LEU A 127 17.26 -16.53 -20.50
CA LEU A 127 16.50 -17.64 -21.01
C LEU A 127 15.16 -17.16 -21.53
N THR A 128 14.58 -17.97 -22.41
CA THR A 128 13.19 -17.84 -22.85
C THR A 128 12.26 -18.07 -21.67
N PRO A 129 10.96 -17.79 -21.83
CA PRO A 129 9.99 -18.28 -20.85
C PRO A 129 10.07 -19.77 -20.62
N GLU A 130 10.49 -20.53 -21.64
CA GLU A 130 10.61 -21.98 -21.55
C GLU A 130 11.96 -22.42 -21.01
N LEU A 131 12.77 -21.49 -20.52
CA LEU A 131 14.03 -21.72 -19.80
C LEU A 131 15.21 -22.12 -20.70
N THR A 132 15.19 -21.74 -21.97
CA THR A 132 16.31 -22.05 -22.87
C THR A 132 17.18 -20.83 -23.14
N PHE A 133 18.49 -21.04 -23.14
CA PHE A 133 19.45 -19.97 -23.34
C PHE A 133 19.15 -19.18 -24.61
N THR A 134 19.21 -17.87 -24.51
CA THR A 134 19.13 -17.00 -25.68
C THR A 134 20.36 -16.14 -25.88
N ARG A 135 21.04 -15.75 -24.80
CA ARG A 135 22.00 -14.66 -24.95
C ARG A 135 22.82 -14.59 -23.67
N GLY A 136 24.12 -14.40 -23.83
CA GLY A 136 24.94 -14.05 -22.71
C GLY A 136 25.57 -12.71 -23.03
N PHE A 137 26.15 -12.05 -22.03
CA PHE A 137 26.81 -10.78 -22.30
C PHE A 137 27.86 -10.53 -21.24
N ASP A 138 28.82 -9.71 -21.60
CA ASP A 138 29.90 -9.31 -20.71
C ASP A 138 30.42 -8.00 -21.27
N GLN A 139 30.23 -6.91 -20.53
CA GLN A 139 30.40 -5.58 -21.08
C GLN A 139 31.04 -4.70 -20.04
N SER A 140 31.83 -3.74 -20.49
CA SER A 140 32.54 -2.90 -19.55
C SER A 140 32.55 -1.45 -20.01
N ALA A 141 32.73 -0.57 -19.05
CA ALA A 141 32.78 0.86 -19.30
C ALA A 141 33.84 1.49 -18.40
N TYR A 142 34.59 2.42 -18.99
CA TYR A 142 35.47 3.30 -18.23
C TYR A 142 34.87 4.70 -18.24
N ASP A 143 34.71 5.28 -17.06
CA ASP A 143 34.15 6.62 -16.92
C ASP A 143 32.87 6.80 -17.71
N GLY A 144 31.91 5.90 -17.50
CA GLY A 144 30.60 6.05 -18.10
C GLY A 144 30.55 5.86 -19.61
N ARG A 145 31.65 5.51 -20.24
CA ARG A 145 31.71 5.28 -21.69
C ARG A 145 32.03 3.82 -21.96
N ASP A 146 31.32 3.22 -22.92
CA ASP A 146 31.62 1.86 -23.39
C ASP A 146 33.10 1.71 -23.67
N TYR A 147 33.69 0.64 -23.10
CA TYR A 147 35.11 0.36 -23.29
C TYR A 147 35.31 -0.88 -24.13
N ILE A 148 34.96 -2.06 -23.61
CA ILE A 148 35.09 -3.30 -24.36
C ILE A 148 33.88 -4.16 -24.02
N SER A 149 33.55 -5.08 -24.91
CA SER A 149 32.47 -6.00 -24.68
C SER A 149 32.72 -7.28 -25.47
N LEU A 150 32.09 -8.36 -25.01
CA LEU A 150 32.21 -9.66 -25.64
C LEU A 150 31.10 -9.83 -26.67
N ASP A 151 31.47 -10.20 -27.88
CA ASP A 151 30.49 -10.56 -28.88
C ASP A 151 30.13 -12.03 -28.69
N THR A 152 28.91 -12.29 -28.23
CA THR A 152 28.52 -13.65 -27.83
C THR A 152 28.49 -14.64 -29.00
N ASP A 153 28.15 -14.19 -30.20
CA ASP A 153 28.01 -15.17 -31.28
C ASP A 153 29.35 -15.58 -31.87
N THR A 154 30.37 -14.72 -31.76
CA THR A 154 31.71 -15.05 -32.23
C THR A 154 32.71 -15.34 -31.13
N TYR A 155 32.40 -14.97 -29.89
CA TYR A 155 33.34 -15.01 -28.75
C TYR A 155 34.67 -14.35 -29.09
N THR A 156 34.58 -13.16 -29.68
CA THR A 156 35.70 -12.24 -29.79
C THR A 156 35.34 -10.93 -29.10
N TRP A 157 36.32 -10.06 -28.98
CA TRP A 157 36.20 -8.84 -28.18
C TRP A 157 36.03 -7.61 -29.06
N THR A 158 34.91 -6.94 -28.93
CA THR A 158 34.65 -5.67 -29.60
C THR A 158 35.26 -4.52 -28.79
N ALA A 159 36.25 -3.85 -29.35
CA ALA A 159 36.87 -2.72 -28.69
C ALA A 159 36.13 -1.47 -29.14
N THR A 160 35.30 -0.93 -28.26
CA THR A 160 34.53 0.25 -28.61
C THR A 160 35.37 1.51 -28.43
N ALA A 161 35.90 1.71 -27.22
CA ALA A 161 36.96 2.68 -27.05
C ALA A 161 38.18 2.26 -27.88
N PRO A 162 38.81 3.18 -28.60
CA PRO A 162 39.98 2.79 -29.40
C PRO A 162 41.15 2.30 -28.55
N GLN A 163 41.36 2.87 -27.36
CA GLN A 163 42.44 2.38 -26.53
C GLN A 163 42.05 1.15 -25.73
N ALA A 164 40.88 0.58 -26.00
CA ALA A 164 40.56 -0.75 -25.51
C ALA A 164 41.09 -1.83 -26.44
N VAL A 165 41.68 -1.47 -27.58
CA VAL A 165 42.22 -2.51 -28.45
C VAL A 165 43.42 -3.18 -27.79
N ASN A 166 44.15 -2.50 -26.92
CA ASN A 166 45.26 -3.23 -26.31
C ASN A 166 44.74 -4.25 -25.30
N THR A 167 43.65 -3.93 -24.59
CA THR A 167 42.97 -4.97 -23.84
C THR A 167 42.46 -6.06 -24.77
N LYS A 168 41.91 -5.69 -25.91
CA LYS A 168 41.37 -6.69 -26.83
C LYS A 168 42.46 -7.67 -27.29
N ARG A 169 43.67 -7.18 -27.51
CA ARG A 169 44.72 -8.09 -27.96
C ARG A 169 45.25 -8.94 -26.81
N LYS A 170 45.30 -8.38 -25.60
CA LYS A 170 45.61 -9.16 -24.42
C LYS A 170 44.72 -10.40 -24.35
N TRP A 171 43.40 -10.17 -24.31
CA TRP A 171 42.46 -11.24 -24.01
C TRP A 171 42.27 -12.21 -25.16
N GLU A 172 42.52 -11.80 -26.40
CA GLU A 172 42.36 -12.72 -27.51
C GLU A 172 43.57 -13.62 -27.69
N ALA A 173 44.73 -13.18 -27.18
CA ALA A 173 45.94 -13.98 -27.15
C ALA A 173 45.87 -15.16 -26.19
N ASP A 174 44.78 -15.31 -25.45
CA ASP A 174 44.65 -16.40 -24.48
C ASP A 174 43.26 -17.03 -24.65
N ARG A 175 43.21 -18.17 -25.33
CA ARG A 175 41.94 -18.75 -25.70
C ARG A 175 41.12 -19.14 -24.48
N SER A 176 41.76 -19.40 -23.36
CA SER A 176 40.97 -19.81 -22.20
C SER A 176 40.03 -18.71 -21.71
N ILE A 177 40.26 -17.45 -22.08
CA ILE A 177 39.33 -16.41 -21.64
C ILE A 177 38.00 -16.53 -22.39
N ALA A 178 38.03 -16.53 -23.71
CA ALA A 178 36.80 -16.74 -24.45
C ALA A 178 36.21 -18.10 -24.12
N GLU A 179 37.06 -19.11 -23.93
CA GLU A 179 36.53 -20.44 -23.66
C GLU A 179 35.81 -20.48 -22.33
N GLY A 180 36.39 -19.81 -21.32
CA GLY A 180 35.76 -19.79 -20.00
C GLY A 180 34.47 -19.00 -19.97
N TRP A 181 34.37 -17.94 -20.79
CA TRP A 181 33.12 -17.22 -20.86
C TRP A 181 32.04 -18.08 -21.50
N LYS A 182 32.38 -18.80 -22.58
CA LYS A 182 31.39 -19.60 -23.27
C LYS A 182 30.85 -20.69 -22.37
N ALA A 183 31.76 -21.35 -21.63
CA ALA A 183 31.32 -22.37 -20.68
C ALA A 183 30.48 -21.75 -19.58
N TYR A 184 30.88 -20.57 -19.09
CA TYR A 184 30.11 -19.95 -18.03
C TYR A 184 28.77 -19.43 -18.56
N LEU A 185 28.81 -18.68 -19.66
CA LEU A 185 27.59 -18.02 -20.09
C LEU A 185 26.53 -18.99 -20.54
N GLU A 186 26.91 -20.09 -21.17
CA GLU A 186 25.90 -20.93 -21.78
C GLU A 186 25.61 -22.19 -20.99
N GLU A 187 26.37 -22.46 -19.92
CA GLU A 187 26.08 -23.62 -19.09
C GLU A 187 26.00 -23.25 -17.61
N THR A 188 27.11 -22.76 -17.04
CA THR A 188 27.14 -22.52 -15.60
C THR A 188 26.09 -21.51 -15.18
N CYS A 189 26.06 -20.35 -15.87
CA CYS A 189 25.05 -19.34 -15.62
C CYS A 189 23.65 -19.91 -15.81
N VAL A 190 23.42 -20.63 -16.92
CA VAL A 190 22.10 -21.22 -17.18
C VAL A 190 21.68 -22.14 -16.03
N LEU A 191 22.58 -22.99 -15.56
CA LEU A 191 22.18 -23.97 -14.54
C LEU A 191 21.96 -23.29 -13.19
N TRP A 192 22.76 -22.28 -12.86
CA TRP A 192 22.51 -21.59 -11.58
C TRP A 192 21.23 -20.79 -11.63
N LEU A 193 20.90 -20.19 -12.79
CA LEU A 193 19.66 -19.43 -12.93
C LEU A 193 18.44 -20.34 -12.76
N LYS A 194 18.42 -21.48 -13.45
CA LYS A 194 17.36 -22.46 -13.23
C LYS A 194 17.22 -22.79 -11.74
N LYS A 195 18.34 -23.08 -11.07
CA LYS A 195 18.25 -23.43 -9.65
C LYS A 195 17.66 -22.29 -8.85
N TYR A 196 18.16 -21.07 -9.03
CA TYR A 196 17.61 -19.92 -8.33
C TYR A 196 16.11 -19.81 -8.56
N LEU A 197 15.68 -19.98 -9.81
CA LEU A 197 14.27 -19.86 -10.13
C LEU A 197 13.43 -20.84 -9.32
N GLU A 198 13.86 -22.12 -9.26
CA GLU A 198 13.17 -23.06 -8.39
C GLU A 198 13.25 -22.62 -6.93
N MET A 199 14.47 -22.38 -6.42
CA MET A 199 14.61 -21.89 -5.05
C MET A 199 13.67 -20.72 -4.73
N GLY A 200 13.40 -19.86 -5.71
CA GLY A 200 12.66 -18.64 -5.45
C GLY A 200 11.27 -18.72 -6.06
N LYS A 201 10.78 -19.97 -6.14
CA LYS A 201 9.51 -20.29 -6.81
C LYS A 201 8.39 -19.33 -6.43
N ASP A 202 8.18 -19.15 -5.12
CA ASP A 202 7.06 -18.32 -4.64
C ASP A 202 7.18 -16.89 -5.14
N THR A 203 8.37 -16.29 -5.04
CA THR A 203 8.52 -14.89 -5.42
C THR A 203 8.95 -14.71 -6.87
N LEU A 204 9.89 -15.49 -7.38
CA LEU A 204 10.34 -15.23 -8.75
C LEU A 204 9.37 -15.74 -9.82
N GLY A 205 8.53 -16.73 -9.49
CA GLY A 205 7.52 -17.18 -10.42
C GLY A 205 6.27 -16.30 -10.49
N ARG A 206 5.98 -15.52 -9.45
CA ARG A 206 4.77 -14.70 -9.46
C ARG A 206 4.82 -13.70 -10.62
N THR A 207 3.67 -13.52 -11.26
CA THR A 207 3.44 -12.37 -12.12
C THR A 207 2.29 -11.57 -11.52
N ASP A 208 2.52 -10.27 -11.30
CA ASP A 208 1.60 -9.43 -10.52
C ASP A 208 0.93 -8.38 -11.40
N PRO A 209 -0.36 -8.50 -11.68
CA PRO A 209 -1.06 -7.46 -12.49
C PRO A 209 -1.11 -6.13 -11.75
N PRO A 210 -1.27 -5.03 -12.47
CA PRO A 210 -1.40 -3.74 -11.81
C PRO A 210 -2.82 -3.42 -11.33
N SER A 211 -2.88 -2.70 -10.23
CA SER A 211 -4.08 -1.93 -9.92
C SER A 211 -3.91 -0.57 -10.55
N ALA A 212 -5.02 0.07 -10.89
CA ALA A 212 -4.93 1.27 -11.69
C ALA A 212 -6.06 2.21 -11.31
N ARG A 213 -5.85 3.50 -11.51
CA ARG A 213 -6.73 4.51 -10.97
C ARG A 213 -6.50 5.79 -11.76
N VAL A 214 -7.56 6.57 -11.96
CA VAL A 214 -7.47 7.85 -12.68
C VAL A 214 -7.72 8.98 -11.69
N THR A 215 -6.85 9.97 -11.68
CA THR A 215 -7.04 11.13 -10.81
C THR A 215 -7.26 12.39 -11.65
N HIS A 216 -7.89 13.38 -11.03
CA HIS A 216 -8.32 14.61 -11.68
C HIS A 216 -7.64 15.80 -11.02
N HIS A 217 -7.04 16.68 -11.84
CA HIS A 217 -6.26 17.80 -11.32
C HIS A 217 -6.54 19.06 -12.12
N THR A 218 -6.93 20.11 -11.44
CA THR A 218 -7.10 21.44 -12.04
C THR A 218 -5.85 22.26 -11.75
N ASP A 219 -5.18 22.80 -12.87
CA ASP A 219 -3.98 23.62 -12.97
C ASP A 219 -4.28 25.10 -12.71
N PRO A 220 -3.30 25.83 -12.15
CA PRO A 220 -3.57 27.23 -11.77
C PRO A 220 -4.12 28.09 -12.89
N ASN A 221 -3.78 27.82 -14.15
CA ASN A 221 -4.37 28.58 -15.25
C ASN A 221 -5.83 28.20 -15.48
N GLY A 222 -6.28 27.06 -14.98
CA GLY A 222 -7.64 26.63 -15.14
C GLY A 222 -7.83 25.34 -15.91
N ASP A 223 -6.82 24.80 -16.57
CA ASP A 223 -7.00 23.59 -17.38
C ASP A 223 -7.04 22.35 -16.49
N VAL A 224 -7.23 21.19 -17.12
CA VAL A 224 -7.51 19.94 -16.41
C VAL A 224 -6.44 18.91 -16.75
N THR A 225 -5.84 18.31 -15.72
CA THR A 225 -4.89 17.22 -15.89
C THR A 225 -5.52 15.91 -15.39
N LEU A 226 -5.63 14.93 -16.27
CA LEU A 226 -6.00 13.58 -15.87
C LEU A 226 -4.74 12.72 -15.79
N ARG A 227 -4.61 11.97 -14.70
CA ARG A 227 -3.42 11.19 -14.45
C ARG A 227 -3.83 9.73 -14.28
N CYS A 228 -3.33 8.87 -15.14
CA CYS A 228 -3.63 7.45 -15.12
C CYS A 228 -2.52 6.71 -14.36
N ARG A 229 -2.86 6.21 -13.17
CA ARG A 229 -1.87 5.71 -12.22
C ARG A 229 -1.94 4.20 -12.10
N ALA A 230 -0.79 3.54 -12.27
CA ALA A 230 -0.66 2.09 -12.08
C ALA A 230 0.39 1.78 -11.00
N GLN A 231 0.07 0.83 -10.13
CA GLN A 231 0.98 0.41 -9.05
C GLN A 231 0.83 -1.08 -8.80
N ASP A 232 1.76 -1.63 -8.01
CA ASP A 232 1.73 -3.02 -7.51
C ASP A 232 1.93 -4.06 -8.61
N PHE A 233 2.60 -3.71 -9.71
CA PHE A 233 2.79 -4.66 -10.80
C PHE A 233 4.23 -5.16 -10.87
N TYR A 234 4.37 -6.39 -11.36
CA TYR A 234 5.65 -7.07 -11.59
C TYR A 234 5.48 -8.03 -12.77
N PRO A 235 6.44 -8.07 -13.71
CA PRO A 235 7.63 -7.23 -13.94
C PRO A 235 7.34 -5.74 -14.19
N ALA A 236 8.36 -4.98 -14.52
CA ALA A 236 8.24 -3.52 -14.61
C ALA A 236 7.81 -3.03 -15.99
N ASP A 237 7.59 -3.93 -16.93
CA ASP A 237 7.22 -3.52 -18.28
C ASP A 237 5.71 -3.28 -18.36
N ILE A 238 5.32 -2.08 -18.77
CA ILE A 238 3.92 -1.71 -18.79
C ILE A 238 3.68 -0.67 -19.88
N SER A 239 2.54 -0.77 -20.53
CA SER A 239 2.08 0.20 -21.52
C SER A 239 0.94 1.03 -20.94
N LEU A 240 1.15 2.34 -20.89
CA LEU A 240 0.16 3.31 -20.46
C LEU A 240 -0.20 4.20 -21.65
N MET A 241 -1.46 4.18 -22.05
CA MET A 241 -1.89 4.92 -23.23
C MET A 241 -3.16 5.72 -22.91
N TRP A 242 -3.10 7.03 -23.18
CA TRP A 242 -4.24 7.93 -23.10
C TRP A 242 -4.87 8.06 -24.48
N LEU A 243 -6.07 7.52 -24.66
CA LEU A 243 -6.79 7.60 -25.93
C LEU A 243 -7.83 8.72 -25.89
N ARG A 244 -7.68 9.71 -26.77
CA ARG A 244 -8.73 10.73 -26.94
C ARG A 244 -9.68 10.29 -28.04
N ASP A 245 -10.73 9.57 -27.65
CA ASP A 245 -11.75 9.10 -28.60
C ASP A 245 -11.10 8.19 -29.64
N GLY A 246 -10.31 7.22 -29.17
CA GLY A 246 -9.70 6.22 -30.03
C GLY A 246 -8.23 6.43 -30.34
N GLU A 247 -7.71 7.67 -30.24
CA GLU A 247 -6.40 8.02 -30.78
C GLU A 247 -5.39 8.39 -29.70
N GLU A 248 -4.22 7.74 -29.75
CA GLU A 248 -3.09 8.06 -28.89
C GLU A 248 -2.84 9.56 -28.82
N GLN A 249 -2.32 10.00 -27.67
CA GLN A 249 -2.11 11.43 -27.49
C GLN A 249 -0.66 11.78 -27.22
N LEU A 250 0.23 11.46 -28.17
CA LEU A 250 1.64 11.83 -28.09
C LEU A 250 1.81 13.33 -27.86
N GLN A 251 0.70 14.08 -27.98
CA GLN A 251 0.64 15.53 -27.89
C GLN A 251 1.00 16.03 -26.51
N ASP A 252 0.00 16.07 -25.63
CA ASP A 252 0.13 16.58 -24.27
C ASP A 252 0.31 15.46 -23.24
N THR A 253 0.82 14.28 -23.64
CA THR A 253 1.01 13.15 -22.74
C THR A 253 2.39 13.18 -22.10
N GLU A 254 2.43 13.34 -20.77
CA GLU A 254 3.66 13.21 -20.01
C GLU A 254 3.68 11.87 -19.28
N PHE A 255 4.84 11.20 -19.33
CA PHE A 255 5.10 9.99 -18.56
C PHE A 255 6.09 10.30 -17.44
N ILE A 256 6.07 9.45 -16.41
CA ILE A 256 7.15 9.38 -15.43
C ILE A 256 7.87 8.06 -15.68
N GLU A 257 9.14 8.02 -15.33
CA GLU A 257 9.85 6.76 -15.49
C GLU A 257 9.33 5.75 -14.48
N THR A 258 9.21 4.49 -14.92
CA THR A 258 8.84 3.42 -14.01
C THR A 258 9.77 3.43 -12.81
N ARG A 259 9.19 3.19 -11.63
CA ARG A 259 9.90 3.32 -10.38
C ARG A 259 9.59 2.14 -9.47
N PRO A 260 10.52 1.77 -8.60
CA PRO A 260 10.30 0.67 -7.65
C PRO A 260 9.46 1.14 -6.45
N ALA A 261 8.45 0.35 -6.09
CA ALA A 261 7.70 0.65 -4.88
C ALA A 261 8.54 0.45 -3.63
N GLY A 262 9.54 -0.44 -3.69
CA GLY A 262 10.33 -0.81 -2.54
C GLY A 262 9.95 -2.13 -1.91
N ASP A 263 9.07 -2.90 -2.55
CA ASP A 263 8.59 -4.16 -2.02
C ASP A 263 8.57 -5.23 -3.09
N GLY A 264 9.21 -4.98 -4.22
CA GLY A 264 9.24 -5.91 -5.33
C GLY A 264 8.47 -5.44 -6.55
N THR A 265 7.56 -4.48 -6.39
CA THR A 265 6.71 -4.07 -7.50
C THR A 265 7.07 -2.66 -7.98
N PHE A 266 6.34 -2.20 -9.01
CA PHE A 266 6.69 -0.96 -9.69
C PHE A 266 5.46 -0.07 -9.85
N GLN A 267 5.71 1.21 -10.09
CA GLN A 267 4.66 2.21 -10.26
C GLN A 267 4.98 3.06 -11.48
N LYS A 268 3.94 3.40 -12.25
CA LYS A 268 4.07 4.32 -13.38
C LYS A 268 2.76 5.07 -13.55
N TRP A 269 2.84 6.36 -13.88
CA TRP A 269 1.63 7.08 -14.26
C TRP A 269 1.82 7.92 -15.54
N ALA A 270 0.71 8.10 -16.25
CA ALA A 270 0.67 8.85 -17.51
C ALA A 270 -0.36 9.96 -17.38
N ALA A 271 0.07 11.20 -17.62
CA ALA A 271 -0.79 12.36 -17.50
C ALA A 271 -1.20 12.85 -18.89
N VAL A 272 -2.15 13.79 -18.89
CA VAL A 272 -2.66 14.38 -20.12
C VAL A 272 -3.40 15.66 -19.75
N GLN A 273 -3.41 16.62 -20.67
CA GLN A 273 -3.99 17.92 -20.38
C GLN A 273 -5.11 18.23 -21.36
N MET A 274 -6.08 19.03 -20.90
CA MET A 274 -7.27 19.31 -21.68
C MET A 274 -8.02 20.49 -21.05
N THR A 275 -9.03 20.99 -21.79
CA THR A 275 -9.93 22.05 -21.38
C THR A 275 -11.08 21.47 -20.56
N PRO A 276 -11.50 22.15 -19.49
CA PRO A 276 -12.58 21.61 -18.66
C PRO A 276 -13.83 21.34 -19.48
N GLY A 277 -14.35 20.12 -19.37
CA GLY A 277 -15.48 19.66 -20.17
C GLY A 277 -15.14 18.50 -21.08
N GLN A 278 -13.87 18.27 -21.34
CA GLN A 278 -13.46 17.30 -22.35
C GLN A 278 -13.09 15.95 -21.76
N GLU A 279 -13.19 15.80 -20.44
CA GLU A 279 -12.75 14.59 -19.76
C GLU A 279 -13.32 13.32 -20.41
N GLY A 280 -14.61 13.33 -20.73
CA GLY A 280 -15.28 12.12 -21.18
C GLY A 280 -14.74 11.56 -22.47
N LYS A 281 -14.08 12.38 -23.29
CA LYS A 281 -13.45 11.87 -24.50
C LYS A 281 -12.35 10.86 -24.18
N TYR A 282 -11.54 11.16 -23.17
CA TYR A 282 -10.29 10.45 -22.94
C TYR A 282 -10.49 9.11 -22.25
N THR A 283 -9.59 8.19 -22.53
CA THR A 283 -9.56 6.87 -21.91
C THR A 283 -8.11 6.49 -21.68
N CYS A 284 -7.87 5.71 -20.63
CA CYS A 284 -6.55 5.16 -20.33
C CYS A 284 -6.57 3.65 -20.52
N ARG A 285 -5.77 3.15 -21.46
CA ARG A 285 -5.57 1.72 -21.61
C ARG A 285 -4.27 1.33 -20.92
N VAL A 286 -4.31 0.23 -20.19
CA VAL A 286 -3.22 -0.26 -19.36
C VAL A 286 -3.05 -1.75 -19.66
N GLN A 287 -1.96 -2.10 -20.36
CA GLN A 287 -1.68 -3.50 -20.65
C GLN A 287 -0.39 -3.92 -19.97
N HIS A 288 -0.36 -5.17 -19.52
CA HIS A 288 0.73 -5.71 -18.72
C HIS A 288 0.58 -7.22 -18.65
N GLU A 289 1.72 -7.90 -18.68
CA GLU A 289 1.82 -9.36 -18.69
C GLU A 289 0.84 -10.04 -17.73
N GLY A 290 0.47 -9.36 -16.65
CA GLY A 290 -0.40 -9.94 -15.64
C GLY A 290 -1.88 -9.85 -15.89
N LEU A 291 -2.31 -8.97 -16.82
CA LEU A 291 -3.75 -8.75 -17.05
C LEU A 291 -4.24 -9.59 -18.20
N PRO A 292 -5.27 -10.42 -17.98
CA PRO A 292 -6.03 -11.01 -19.10
C PRO A 292 -6.31 -10.01 -20.22
N GLU A 293 -7.22 -9.08 -19.95
CA GLU A 293 -7.47 -8.01 -20.89
C GLU A 293 -6.88 -6.72 -20.34
N PRO A 294 -6.48 -5.80 -21.21
CA PRO A 294 -6.05 -4.50 -20.72
C PRO A 294 -7.14 -3.84 -19.89
N LEU A 295 -6.76 -2.77 -19.20
CA LEU A 295 -7.70 -2.04 -18.35
C LEU A 295 -8.12 -0.78 -19.09
N SER A 296 -9.42 -0.56 -19.15
CA SER A 296 -9.96 0.69 -19.68
C SER A 296 -10.51 1.49 -18.50
N LEU A 297 -10.08 2.75 -18.41
CA LEU A 297 -10.40 3.58 -17.27
C LEU A 297 -10.75 4.95 -17.79
N LYS A 298 -11.94 5.44 -17.43
CA LYS A 298 -12.37 6.79 -17.70
C LYS A 298 -12.40 7.58 -16.40
N TRP A 299 -12.30 8.90 -16.50
CA TRP A 299 -12.68 9.72 -15.35
C TRP A 299 -14.17 10.00 -15.46
N MET B 1 35.42 13.00 -19.38
CA MET B 1 34.70 12.29 -18.34
C MET B 1 33.19 12.46 -18.51
N ILE B 2 32.47 11.34 -18.59
CA ILE B 2 31.02 11.41 -18.66
C ILE B 2 30.47 11.84 -17.31
N GLN B 3 29.55 12.82 -17.33
CA GLN B 3 28.78 13.20 -16.17
C GLN B 3 27.31 13.21 -16.53
N ARG B 4 26.50 12.56 -15.71
CA ARG B 4 25.05 12.53 -15.88
C ARG B 4 24.46 12.91 -14.53
N THR B 5 23.37 13.65 -14.57
CA THR B 5 22.85 14.32 -13.39
C THR B 5 21.61 13.58 -12.85
N PRO B 6 21.44 13.51 -11.54
CA PRO B 6 20.35 12.66 -10.98
C PRO B 6 18.95 13.11 -11.41
N LYS B 7 18.14 12.12 -11.80
CA LYS B 7 16.70 12.27 -11.86
C LYS B 7 16.09 11.80 -10.54
N ILE B 8 15.12 12.55 -10.02
CA ILE B 8 14.66 12.38 -8.65
C ILE B 8 13.14 12.28 -8.62
N GLN B 9 12.63 11.29 -7.90
CA GLN B 9 11.21 11.13 -7.68
C GLN B 9 11.00 10.93 -6.18
N VAL B 10 10.01 11.61 -5.62
CA VAL B 10 9.66 11.48 -4.21
C VAL B 10 8.20 11.02 -4.14
N TYR B 11 7.98 9.84 -3.58
CA TYR B 11 6.65 9.23 -3.62
C TYR B 11 6.53 8.22 -2.48
N SER B 12 5.32 7.70 -2.31
CA SER B 12 5.02 6.75 -1.24
C SER B 12 4.82 5.36 -1.83
N ARG B 13 5.15 4.34 -1.04
CA ARG B 13 5.01 2.96 -1.50
C ARG B 13 3.57 2.65 -1.87
N HIS B 14 2.66 2.92 -0.96
CA HIS B 14 1.25 2.77 -1.22
C HIS B 14 0.60 4.14 -1.29
N PRO B 15 -0.62 4.23 -1.80
CA PRO B 15 -1.29 5.53 -1.85
C PRO B 15 -1.45 6.10 -0.45
N ALA B 16 -1.00 7.34 -0.27
CA ALA B 16 -0.98 7.97 1.03
C ALA B 16 -2.37 8.10 1.62
N GLU B 17 -2.60 7.48 2.78
CA GLU B 17 -3.75 7.79 3.64
C GLU B 17 -3.20 8.33 4.96
N ASN B 18 -3.61 9.53 5.33
CA ASN B 18 -3.17 10.09 6.60
C ASN B 18 -3.49 9.13 7.73
N GLY B 19 -2.64 9.12 8.76
CA GLY B 19 -2.75 8.18 9.87
C GLY B 19 -2.37 6.74 9.58
N LYS B 20 -2.26 6.34 8.30
CA LYS B 20 -1.96 4.96 7.92
C LYS B 20 -0.47 4.80 7.60
N SER B 21 0.15 3.78 8.17
CA SER B 21 1.58 3.57 8.00
C SER B 21 1.94 3.19 6.56
N ASN B 22 3.02 3.79 6.05
CA ASN B 22 3.48 3.64 4.66
C ASN B 22 5.01 3.63 4.65
N PHE B 23 5.58 3.74 3.46
CA PHE B 23 7.01 3.99 3.27
C PHE B 23 7.18 5.19 2.35
N LEU B 24 8.05 6.14 2.74
CA LEU B 24 8.39 7.27 1.88
C LEU B 24 9.63 6.95 1.05
N ASN B 25 9.57 7.19 -0.26
CA ASN B 25 10.61 6.76 -1.19
C ASN B 25 11.30 7.95 -1.84
N CYS B 26 12.61 7.81 -2.07
CA CYS B 26 13.35 8.75 -2.90
C CYS B 26 14.20 7.93 -3.86
N TYR B 27 13.80 7.91 -5.12
CA TYR B 27 14.47 7.12 -6.15
C TYR B 27 15.34 8.07 -6.96
N VAL B 28 16.66 7.92 -6.84
CA VAL B 28 17.64 8.74 -7.55
C VAL B 28 18.27 7.88 -8.63
N SER B 29 18.23 8.35 -9.88
CA SER B 29 18.65 7.49 -10.98
C SER B 29 19.23 8.31 -12.12
N GLY B 30 19.77 7.60 -13.10
CA GLY B 30 20.33 8.22 -14.27
C GLY B 30 21.57 9.03 -14.06
N PHE B 31 22.23 8.92 -12.90
CA PHE B 31 23.40 9.73 -12.59
C PHE B 31 24.72 8.98 -12.78
N HIS B 32 25.77 9.76 -12.94
CA HIS B 32 27.13 9.31 -13.18
C HIS B 32 28.07 10.50 -13.02
N PRO B 33 29.13 10.40 -12.20
CA PRO B 33 29.60 9.20 -11.48
C PRO B 33 28.78 8.88 -10.25
N SER B 34 29.25 7.89 -9.49
CA SER B 34 28.44 7.21 -8.49
C SER B 34 28.38 7.93 -7.14
N ASP B 35 29.32 8.83 -6.84
CA ASP B 35 29.34 9.48 -5.54
C ASP B 35 28.08 10.34 -5.34
N ILE B 36 27.32 10.06 -4.28
CA ILE B 36 26.06 10.77 -4.09
C ILE B 36 25.62 10.73 -2.62
N GLU B 37 25.26 11.89 -2.06
CA GLU B 37 24.62 11.99 -0.74
C GLU B 37 23.12 12.15 -0.92
N VAL B 38 22.35 11.43 -0.11
CA VAL B 38 20.88 11.52 -0.13
C VAL B 38 20.37 11.44 1.30
N ASP B 39 19.60 12.44 1.71
CA ASP B 39 18.90 12.42 2.98
C ASP B 39 17.41 12.62 2.75
N LEU B 40 16.62 12.17 3.71
CA LEU B 40 15.18 12.37 3.70
C LEU B 40 14.79 13.30 4.83
N LEU B 41 13.94 14.26 4.54
CA LEU B 41 13.64 15.33 5.49
C LEU B 41 12.18 15.27 5.93
N LYS B 42 11.97 15.46 7.23
CA LYS B 42 10.65 15.68 7.79
C LYS B 42 10.66 17.06 8.42
N ASN B 43 9.92 17.99 7.82
CA ASN B 43 9.86 19.37 8.30
C ASN B 43 11.27 19.96 8.42
N GLY B 44 12.08 19.73 7.38
CA GLY B 44 13.39 20.34 7.28
C GLY B 44 14.51 19.66 8.07
N GLU B 45 14.20 18.64 8.87
CA GLU B 45 15.20 17.95 9.68
C GLU B 45 15.46 16.55 9.15
N ARG B 46 16.74 16.19 9.10
CA ARG B 46 17.14 14.87 8.61
C ARG B 46 16.46 13.77 9.40
N ILE B 47 15.88 12.82 8.68
CA ILE B 47 15.29 11.65 9.31
C ILE B 47 16.41 10.68 9.67
N GLU B 48 16.44 10.26 10.94
CA GLU B 48 17.67 9.70 11.52
C GLU B 48 18.21 8.52 10.71
N LYS B 49 17.45 7.43 10.61
CA LYS B 49 17.92 6.30 9.82
C LYS B 49 16.91 6.00 8.72
N VAL B 50 17.27 6.37 7.53
CA VAL B 50 16.67 5.84 6.33
C VAL B 50 17.56 4.70 5.85
N GLU B 51 16.97 3.75 5.15
CA GLU B 51 17.73 2.67 4.54
C GLU B 51 17.80 2.93 3.04
N HIS B 52 18.59 2.11 2.34
CA HIS B 52 18.72 2.32 0.91
C HIS B 52 19.16 1.02 0.24
N SER B 53 18.79 0.89 -1.03
CA SER B 53 19.18 -0.27 -1.80
C SER B 53 20.65 -0.17 -2.20
N ASP B 54 21.19 -1.27 -2.71
CA ASP B 54 22.61 -1.31 -3.03
C ASP B 54 22.80 -0.78 -4.44
N LEU B 55 23.75 0.14 -4.58
CA LEU B 55 24.06 0.76 -5.84
C LEU B 55 24.08 -0.26 -6.96
N SER B 56 23.20 -0.07 -7.93
CA SER B 56 23.25 -0.80 -9.19
C SER B 56 23.26 0.23 -10.31
N PHE B 57 23.26 -0.26 -11.54
CA PHE B 57 23.26 0.68 -12.65
C PHE B 57 22.57 0.03 -13.84
N SER B 58 22.19 0.85 -14.79
CA SER B 58 21.32 0.42 -15.86
C SER B 58 22.12 0.34 -17.18
N LYS B 59 21.43 0.17 -18.31
CA LYS B 59 22.14 -0.22 -19.53
C LYS B 59 23.04 0.89 -20.07
N ASP B 60 22.66 2.16 -19.90
CA ASP B 60 23.53 3.24 -20.38
C ASP B 60 24.71 3.50 -19.46
N TRP B 61 24.83 2.74 -18.37
CA TRP B 61 25.84 2.77 -17.31
C TRP B 61 25.51 3.81 -16.24
N SER B 62 24.37 4.48 -16.32
CA SER B 62 24.01 5.39 -15.25
C SER B 62 23.53 4.60 -14.04
N PHE B 63 23.80 5.16 -12.86
CA PHE B 63 23.55 4.50 -11.58
C PHE B 63 22.15 4.80 -11.06
N TYR B 64 21.69 3.94 -10.14
CA TYR B 64 20.41 4.21 -9.49
C TYR B 64 20.39 3.61 -8.10
N LEU B 65 19.53 4.19 -7.26
CA LEU B 65 19.41 3.88 -5.85
C LEU B 65 18.02 4.26 -5.35
N LEU B 66 17.54 3.54 -4.36
CA LEU B 66 16.28 3.85 -3.71
C LEU B 66 16.55 4.13 -2.23
N TYR B 67 16.12 5.28 -1.76
CA TYR B 67 16.18 5.64 -0.35
C TYR B 67 14.78 5.61 0.22
N TYR B 68 14.60 5.01 1.38
CA TYR B 68 13.27 4.83 1.89
C TYR B 68 13.27 4.85 3.41
N THR B 69 12.09 5.07 3.97
CA THR B 69 11.92 5.08 5.41
C THR B 69 10.45 4.85 5.73
N GLU B 70 10.20 4.03 6.74
CA GLU B 70 8.85 3.91 7.28
C GLU B 70 8.38 5.27 7.76
N PHE B 71 7.12 5.59 7.50
CA PHE B 71 6.54 6.81 8.02
C PHE B 71 5.02 6.68 8.02
N THR B 72 4.39 7.55 8.78
CA THR B 72 2.94 7.67 8.80
C THR B 72 2.60 9.09 8.39
N PRO B 73 1.99 9.28 7.23
CA PRO B 73 1.71 10.64 6.76
C PRO B 73 0.60 11.31 7.56
N THR B 74 0.71 12.63 7.65
CA THR B 74 -0.37 13.48 8.16
C THR B 74 -0.61 14.61 7.17
N GLU B 75 -1.39 15.62 7.58
CA GLU B 75 -1.60 16.75 6.68
C GLU B 75 -0.60 17.87 6.93
N LYS B 76 -0.26 18.17 8.18
CA LYS B 76 0.64 19.28 8.45
C LYS B 76 2.12 18.96 8.19
N ASP B 77 2.49 17.68 8.06
CA ASP B 77 3.90 17.32 7.90
C ASP B 77 4.35 17.50 6.46
N GLU B 78 5.54 18.09 6.29
CA GLU B 78 6.18 18.25 5.00
C GLU B 78 7.35 17.28 4.88
N TYR B 79 7.37 16.48 3.82
CA TYR B 79 8.43 15.52 3.57
C TYR B 79 9.19 15.87 2.29
N ALA B 80 10.52 15.68 2.33
CA ALA B 80 11.30 15.98 1.13
C ALA B 80 12.56 15.12 1.08
N CYS B 81 13.16 15.11 -0.10
CA CYS B 81 14.41 14.42 -0.37
C CYS B 81 15.50 15.43 -0.74
N ARG B 82 16.73 15.21 -0.28
CA ARG B 82 17.83 16.15 -0.51
C ARG B 82 19.01 15.41 -1.12
N VAL B 83 19.47 15.88 -2.28
CA VAL B 83 20.39 15.11 -3.11
C VAL B 83 21.59 15.98 -3.45
N ASN B 84 22.79 15.46 -3.21
CA ASN B 84 24.01 16.15 -3.58
C ASN B 84 24.84 15.27 -4.49
N HIS B 85 25.43 15.88 -5.51
CA HIS B 85 26.15 15.19 -6.57
C HIS B 85 27.03 16.22 -7.28
N VAL B 86 28.12 15.74 -7.88
CA VAL B 86 29.08 16.66 -8.50
C VAL B 86 28.40 17.50 -9.59
N THR B 87 27.34 16.98 -10.20
CA THR B 87 26.65 17.78 -11.22
C THR B 87 25.77 18.84 -10.61
N LEU B 88 25.60 18.88 -9.30
CA LEU B 88 24.73 19.86 -8.68
C LEU B 88 25.60 20.93 -8.02
N SER B 89 25.16 22.17 -8.14
CA SER B 89 25.93 23.27 -7.56
C SER B 89 25.78 23.28 -6.04
N GLN B 90 24.59 22.93 -5.56
CA GLN B 90 24.28 22.85 -4.15
C GLN B 90 23.23 21.72 -4.00
N PRO B 91 23.05 21.24 -2.76
CA PRO B 91 22.05 20.15 -2.58
C PRO B 91 20.69 20.53 -3.16
N LYS B 92 20.12 19.61 -3.95
CA LYS B 92 18.80 19.81 -4.50
C LYS B 92 17.76 19.16 -3.60
N ILE B 93 16.75 19.93 -3.22
CA ILE B 93 15.69 19.43 -2.35
C ILE B 93 14.41 19.32 -3.15
N VAL B 94 13.90 18.10 -3.28
CA VAL B 94 12.62 17.83 -3.92
C VAL B 94 11.62 17.48 -2.84
N LYS B 95 10.59 18.32 -2.70
CA LYS B 95 9.54 18.08 -1.71
C LYS B 95 8.55 17.03 -2.22
N TRP B 96 8.08 16.19 -1.29
CA TRP B 96 7.09 15.17 -1.63
C TRP B 96 5.75 15.82 -1.95
N ASP B 97 5.26 15.56 -3.16
CA ASP B 97 3.96 16.03 -3.59
C ASP B 97 3.00 14.84 -3.55
N ARG B 98 2.06 14.87 -2.61
CA ARG B 98 1.29 13.68 -2.25
C ARG B 98 0.49 13.14 -3.44
N ASP B 99 0.01 14.02 -4.31
CA ASP B 99 -0.66 13.50 -5.50
C ASP B 99 0.27 13.65 -6.71
N MET B 100 1.41 12.97 -6.65
CA MET B 100 2.41 12.91 -7.72
C MET B 100 3.38 11.77 -7.37
N CYS C 1 26.04 -17.30 -9.74
CA CYS C 1 27.46 -17.60 -9.52
C CYS C 1 28.41 -16.49 -10.00
N ASN C 2 29.24 -15.95 -9.10
CA ASN C 2 30.18 -14.89 -9.50
C ASN C 2 31.37 -15.49 -10.28
N VAL C 3 32.00 -14.65 -11.10
CA VAL C 3 33.10 -15.06 -11.97
C VAL C 3 34.34 -14.21 -11.68
N THR C 4 35.52 -14.82 -11.79
CA THR C 4 36.77 -14.07 -11.63
C THR C 4 37.13 -13.42 -12.95
N LEU C 5 37.28 -12.10 -12.93
CA LEU C 5 37.51 -11.34 -14.14
C LEU C 5 39.02 -11.17 -14.40
N ASN C 6 39.35 -10.53 -15.52
CA ASN C 6 40.71 -10.46 -16.03
C ASN C 6 41.29 -9.05 -15.97
N TYR C 7 42.62 -8.99 -15.87
CA TYR C 7 43.33 -7.72 -15.97
C TYR C 7 43.12 -7.14 -17.37
N PRO C 8 42.75 -5.85 -17.49
CA PRO C 8 42.60 -5.28 -18.83
C PRO C 8 43.93 -4.80 -19.41
N GLY D 22 -20.32 6.94 27.56
CA GLY D 22 -20.76 7.83 28.62
C GLY D 22 -21.84 8.82 28.20
N SER D 23 -21.61 9.48 27.07
CA SER D 23 -22.57 10.42 26.50
C SER D 23 -23.59 9.63 25.66
N HIS D 24 -24.41 10.35 24.90
CA HIS D 24 -25.45 9.67 24.13
C HIS D 24 -25.56 10.29 22.74
N SER D 25 -25.79 9.44 21.74
CA SER D 25 -25.88 9.90 20.36
C SER D 25 -26.87 9.05 19.58
N LEU D 26 -27.56 9.69 18.64
CA LEU D 26 -28.40 9.02 17.67
C LEU D 26 -27.88 9.42 16.29
N ARG D 27 -27.40 8.44 15.51
CA ARG D 27 -26.75 8.74 14.25
C ARG D 27 -27.24 7.82 13.15
N TYR D 28 -27.44 8.38 11.96
CA TYR D 28 -27.77 7.62 10.77
C TYR D 28 -26.65 7.71 9.75
N PHE D 29 -26.52 6.66 8.94
CA PHE D 29 -25.45 6.56 7.95
C PHE D 29 -26.09 6.12 6.64
N TYR D 30 -26.14 7.03 5.67
CA TYR D 30 -26.68 6.75 4.34
C TYR D 30 -25.56 6.57 3.33
N THR D 31 -25.70 5.56 2.47
CA THR D 31 -24.76 5.29 1.39
C THR D 31 -25.54 4.99 0.12
N ALA D 32 -25.08 5.56 -1.00
CA ALA D 32 -25.65 5.27 -2.32
C ALA D 32 -24.51 5.03 -3.30
N VAL D 33 -24.60 3.95 -4.11
CA VAL D 33 -23.48 3.55 -4.97
C VAL D 33 -23.95 3.29 -6.40
N SER D 34 -23.23 3.85 -7.35
CA SER D 34 -23.37 3.61 -8.77
C SER D 34 -22.53 2.43 -9.18
N GLY D 35 -22.80 1.93 -10.38
CA GLY D 35 -21.96 0.92 -10.95
C GLY D 35 -22.46 0.45 -12.28
N PRO D 36 -21.53 0.05 -13.15
CA PRO D 36 -21.94 -0.50 -14.45
C PRO D 36 -22.78 -1.76 -14.33
N GLU D 37 -22.88 -2.34 -13.14
CA GLU D 37 -23.61 -3.59 -12.93
C GLU D 37 -24.91 -3.39 -12.16
N LEU D 38 -25.49 -2.18 -12.20
CA LEU D 38 -26.51 -1.86 -11.21
C LEU D 38 -27.81 -1.27 -11.75
N ARG D 39 -27.90 -0.84 -13.00
CA ARG D 39 -29.16 -0.32 -13.53
C ARG D 39 -29.60 0.95 -12.80
N GLU D 40 -30.00 0.83 -11.54
CA GLU D 40 -30.14 2.02 -10.72
C GLU D 40 -29.19 1.93 -9.54
N PRO D 41 -28.77 3.06 -8.99
CA PRO D 41 -27.89 3.00 -7.83
C PRO D 41 -28.60 2.42 -6.61
N ARG D 42 -27.80 1.81 -5.76
CA ARG D 42 -28.24 1.12 -4.56
C ARG D 42 -28.10 2.06 -3.37
N PHE D 43 -29.09 2.05 -2.48
CA PHE D 43 -29.12 2.91 -1.29
C PHE D 43 -29.23 2.03 -0.07
N LEU D 44 -28.28 2.17 0.85
CA LEU D 44 -28.27 1.45 2.11
C LEU D 44 -28.24 2.44 3.27
N SER D 45 -28.73 1.99 4.41
CA SER D 45 -28.87 2.88 5.55
C SER D 45 -28.80 2.07 6.83
N VAL D 46 -28.16 2.62 7.85
CA VAL D 46 -28.10 2.05 9.19
C VAL D 46 -28.23 3.17 10.21
N GLY D 47 -28.91 2.90 11.32
CA GLY D 47 -29.00 3.84 12.42
C GLY D 47 -28.41 3.27 13.71
N TYR D 48 -27.85 4.16 14.51
CA TYR D 48 -27.23 3.74 15.76
C TYR D 48 -27.74 4.61 16.90
N VAL D 49 -27.94 3.97 18.06
CA VAL D 49 -28.11 4.67 19.33
C VAL D 49 -26.91 4.28 20.18
N ASP D 50 -26.18 5.28 20.66
CA ASP D 50 -24.89 5.06 21.33
C ASP D 50 -24.02 4.23 20.36
N GLU D 51 -23.43 3.14 20.79
CA GLU D 51 -22.57 2.39 19.88
C GLU D 51 -23.31 1.32 19.09
N GLN D 52 -24.64 1.26 19.17
CA GLN D 52 -25.37 0.02 18.89
C GLN D 52 -26.30 0.18 17.69
N GLN D 53 -26.13 -0.67 16.69
CA GLN D 53 -27.00 -0.59 15.53
C GLN D 53 -28.42 -1.00 15.92
N PHE D 54 -29.42 -0.36 15.31
CA PHE D 54 -30.79 -0.76 15.62
C PHE D 54 -31.76 -0.76 14.44
N VAL D 55 -31.38 -0.25 13.27
CA VAL D 55 -32.24 -0.33 12.09
C VAL D 55 -31.33 -0.46 10.88
N ARG D 56 -31.88 -1.03 9.82
CA ARG D 56 -31.19 -1.01 8.54
C ARG D 56 -32.23 -0.88 7.44
N PHE D 57 -31.74 -0.57 6.25
CA PHE D 57 -32.57 -0.41 5.07
C PHE D 57 -31.67 -0.65 3.87
N ASP D 58 -32.17 -1.43 2.92
CA ASP D 58 -31.42 -1.84 1.73
C ASP D 58 -32.36 -1.74 0.55
N SER D 59 -32.06 -0.86 -0.40
CA SER D 59 -32.99 -0.65 -1.50
C SER D 59 -33.04 -1.82 -2.47
N ALA D 60 -32.11 -2.77 -2.40
CA ALA D 60 -32.10 -3.88 -3.35
C ALA D 60 -32.89 -5.08 -2.84
N SER D 61 -34.12 -4.84 -2.43
CA SER D 61 -35.09 -5.89 -2.10
C SER D 61 -36.30 -5.68 -2.99
N GLU D 62 -37.15 -6.71 -3.06
CA GLU D 62 -38.38 -6.61 -3.82
C GLU D 62 -39.23 -5.43 -3.34
N SER D 63 -39.50 -5.38 -2.04
CA SER D 63 -40.21 -4.24 -1.45
C SER D 63 -39.46 -3.85 -0.18
N PRO D 64 -38.47 -2.96 -0.29
CA PRO D 64 -37.52 -2.72 0.81
C PRO D 64 -38.17 -1.89 1.91
N ARG D 65 -38.06 -2.36 3.13
CA ARG D 65 -38.58 -1.70 4.32
C ARG D 65 -37.44 -1.44 5.28
N GLU D 66 -37.65 -0.54 6.23
CA GLU D 66 -36.67 -0.42 7.28
C GLU D 66 -36.90 -1.56 8.26
N GLU D 67 -35.82 -2.21 8.67
CA GLU D 67 -35.99 -3.39 9.48
C GLU D 67 -35.31 -3.21 10.83
N PRO D 68 -35.90 -3.72 11.91
CA PRO D 68 -35.20 -3.70 13.20
C PRO D 68 -33.94 -4.56 13.16
N ARG D 69 -32.95 -4.17 13.97
CA ARG D 69 -31.72 -4.93 14.13
C ARG D 69 -31.28 -4.96 15.59
N ALA D 70 -32.09 -4.44 16.52
CA ALA D 70 -31.95 -4.68 17.93
C ALA D 70 -33.31 -5.07 18.48
N LYS D 71 -33.32 -5.82 19.59
CA LYS D 71 -34.58 -6.33 20.10
C LYS D 71 -35.44 -5.21 20.69
N TRP D 72 -34.83 -4.22 21.34
CA TRP D 72 -35.64 -3.26 22.07
C TRP D 72 -36.46 -2.35 21.18
N ILE D 73 -36.15 -2.27 19.88
CA ILE D 73 -36.89 -1.38 19.00
C ILE D 73 -38.17 -2.03 18.48
N GLU D 74 -38.26 -3.36 18.48
CA GLU D 74 -39.51 -4.01 18.06
C GLU D 74 -40.69 -3.55 18.90
N ARG D 75 -40.44 -3.08 20.11
CA ARG D 75 -41.46 -2.52 20.99
C ARG D 75 -42.14 -1.28 20.41
N VAL D 76 -41.53 -0.66 19.39
CA VAL D 76 -41.88 0.73 19.08
C VAL D 76 -43.27 0.84 18.49
N GLY D 77 -43.72 -0.17 17.75
CA GLY D 77 -45.05 -0.13 17.17
C GLY D 77 -46.17 -0.03 18.18
N GLU D 78 -45.92 -0.41 19.43
CA GLU D 78 -47.00 -0.46 20.41
C GLU D 78 -47.38 0.90 20.99
N GLU D 79 -46.67 1.99 20.65
CA GLU D 79 -47.21 3.31 20.90
C GLU D 79 -46.89 4.30 19.78
N ASP D 80 -46.30 3.84 18.69
CA ASP D 80 -46.31 4.57 17.41
C ASP D 80 -46.50 3.52 16.33
N PRO D 81 -47.74 3.10 16.08
CA PRO D 81 -47.97 2.01 15.13
C PRO D 81 -47.45 2.31 13.74
N GLU D 82 -47.45 3.57 13.31
CA GLU D 82 -47.03 3.86 11.95
C GLU D 82 -45.51 3.96 11.78
N TYR D 83 -44.73 3.68 12.83
CA TYR D 83 -43.29 3.97 12.83
C TYR D 83 -42.58 3.40 11.61
N TRP D 84 -42.78 2.10 11.32
CA TRP D 84 -42.04 1.44 10.23
C TRP D 84 -42.57 1.87 8.86
N GLU D 85 -43.87 2.11 8.75
CA GLU D 85 -44.42 2.63 7.51
C GLU D 85 -43.77 3.97 7.18
N ARG D 86 -43.69 4.85 8.17
CA ARG D 86 -43.15 6.19 7.97
C ARG D 86 -41.68 6.16 7.55
N GLN D 87 -40.85 5.46 8.32
CA GLN D 87 -39.44 5.35 7.98
C GLN D 87 -39.24 4.73 6.60
N THR D 88 -40.02 3.70 6.26
CA THR D 88 -39.90 3.09 4.94
C THR D 88 -40.20 4.11 3.85
N GLY D 89 -41.27 4.90 4.03
CA GLY D 89 -41.59 5.92 3.06
C GLY D 89 -40.52 6.99 2.95
N ILE D 90 -39.94 7.39 4.06
CA ILE D 90 -38.86 8.37 4.00
C ILE D 90 -37.65 7.79 3.27
N LEU D 91 -37.26 6.56 3.62
CA LEU D 91 -36.11 5.95 2.99
C LEU D 91 -36.35 5.61 1.52
N ARG D 92 -37.60 5.36 1.13
CA ARG D 92 -37.83 5.12 -0.28
C ARG D 92 -37.71 6.42 -1.07
N ARG D 93 -38.26 7.51 -0.53
CA ARG D 93 -38.01 8.82 -1.13
C ARG D 93 -36.52 9.11 -1.18
N ASN D 94 -35.81 8.90 -0.06
CA ASN D 94 -34.38 9.19 -0.02
C ASN D 94 -33.61 8.37 -1.04
N THR D 95 -34.06 7.14 -1.32
CA THR D 95 -33.47 6.38 -2.41
C THR D 95 -33.54 7.16 -3.72
N GLN D 96 -34.69 7.77 -4.01
CA GLN D 96 -34.79 8.48 -5.27
C GLN D 96 -33.99 9.79 -5.24
N VAL D 97 -33.89 10.45 -4.07
CA VAL D 97 -33.10 11.68 -3.96
C VAL D 97 -31.62 11.38 -4.22
N PHE D 98 -31.11 10.28 -3.69
CA PHE D 98 -29.70 9.97 -3.91
C PHE D 98 -29.44 9.46 -5.31
N ARG D 99 -30.39 8.73 -5.90
CA ARG D 99 -30.22 8.30 -7.28
C ARG D 99 -30.10 9.50 -8.21
N VAL D 100 -31.07 10.41 -8.15
CA VAL D 100 -30.94 11.67 -8.88
C VAL D 100 -29.67 12.39 -8.46
N GLY D 101 -29.45 12.50 -7.15
CA GLY D 101 -28.25 13.16 -6.65
C GLY D 101 -26.97 12.68 -7.30
N LEU D 102 -26.78 11.36 -7.42
CA LEU D 102 -25.59 10.81 -8.04
C LEU D 102 -25.44 11.29 -9.48
N GLU D 103 -26.56 11.36 -10.21
CA GLU D 103 -26.45 11.77 -11.60
C GLU D 103 -26.06 13.23 -11.71
N THR D 104 -26.53 14.10 -10.81
CA THR D 104 -26.20 15.48 -11.03
C THR D 104 -24.80 15.79 -10.51
N LEU D 105 -24.31 15.05 -9.51
CA LEU D 105 -22.93 15.24 -9.09
C LEU D 105 -21.96 14.73 -10.15
N ARG D 106 -22.31 13.66 -10.84
CA ARG D 106 -21.52 13.26 -12.00
C ARG D 106 -21.35 14.43 -12.97
N GLY D 107 -22.42 15.20 -13.21
CA GLY D 107 -22.31 16.38 -14.05
C GLY D 107 -21.39 17.45 -13.48
N TYR D 108 -21.51 17.73 -12.18
CA TYR D 108 -20.66 18.74 -11.58
C TYR D 108 -19.18 18.38 -11.69
N PHE D 109 -18.85 17.10 -11.59
CA PHE D 109 -17.46 16.66 -11.60
C PHE D 109 -16.97 16.26 -12.99
N ASN D 110 -17.86 16.29 -13.99
CA ASN D 110 -17.54 16.01 -15.40
C ASN D 110 -17.00 14.60 -15.59
N GLN D 111 -17.67 13.64 -14.97
CA GLN D 111 -17.30 12.23 -15.05
C GLN D 111 -18.17 11.53 -16.08
N SER D 112 -17.65 10.43 -16.64
CA SER D 112 -18.36 9.67 -17.67
C SER D 112 -19.47 8.84 -17.03
N ALA D 113 -20.25 8.17 -17.88
CA ALA D 113 -21.57 7.67 -17.49
C ALA D 113 -21.55 6.29 -16.83
N GLY D 114 -20.59 5.43 -17.10
CA GLY D 114 -20.78 4.10 -16.54
C GLY D 114 -19.96 3.76 -15.31
N GLY D 115 -19.61 4.77 -14.50
CA GLY D 115 -18.61 4.58 -13.47
C GLY D 115 -19.17 4.14 -12.13
N VAL D 116 -18.25 3.97 -11.17
CA VAL D 116 -18.61 3.65 -9.80
C VAL D 116 -18.44 4.91 -8.98
N HIS D 117 -19.52 5.35 -8.32
CA HIS D 117 -19.47 6.57 -7.53
C HIS D 117 -20.32 6.36 -6.30
N THR D 118 -20.09 7.21 -5.31
CA THR D 118 -20.62 6.99 -3.97
C THR D 118 -21.08 8.31 -3.41
N LEU D 119 -22.28 8.33 -2.85
CA LEU D 119 -22.78 9.47 -2.11
C LEU D 119 -23.06 9.00 -0.70
N GLN D 120 -22.52 9.71 0.29
CA GLN D 120 -22.71 9.34 1.69
C GLN D 120 -23.19 10.52 2.50
N THR D 121 -24.09 10.25 3.45
CA THR D 121 -24.46 11.24 4.45
C THR D 121 -24.44 10.60 5.82
N MET D 122 -23.96 11.35 6.82
CA MET D 122 -24.17 10.99 8.22
C MET D 122 -24.72 12.20 8.96
N TYR D 123 -25.64 11.96 9.88
CA TYR D 123 -26.26 13.04 10.63
C TYR D 123 -26.74 12.49 11.97
N GLY D 124 -26.93 13.39 12.92
CA GLY D 124 -27.52 13.01 14.19
C GLY D 124 -27.28 14.07 15.24
N CYS D 125 -27.45 13.65 16.50
CA CYS D 125 -27.37 14.58 17.61
C CYS D 125 -26.71 13.88 18.79
N GLU D 126 -26.10 14.67 19.66
CA GLU D 126 -25.38 14.16 20.83
C GLU D 126 -25.90 14.80 22.10
N LEU D 127 -26.04 13.99 23.16
CA LEU D 127 -26.45 14.50 24.47
C LEU D 127 -25.38 14.22 25.51
N THR D 128 -25.30 15.11 26.50
CA THR D 128 -24.47 14.88 27.68
C THR D 128 -25.08 13.80 28.56
N PRO D 129 -24.31 13.23 29.50
CA PRO D 129 -24.87 12.22 30.42
C PRO D 129 -26.13 12.69 31.14
N GLU D 130 -26.26 13.98 31.40
CA GLU D 130 -27.50 14.53 31.96
C GLU D 130 -28.58 14.73 30.91
N LEU D 131 -28.45 14.11 29.74
CA LEU D 131 -29.48 14.12 28.70
C LEU D 131 -29.71 15.55 28.18
N THR D 132 -28.64 16.32 28.09
CA THR D 132 -28.69 17.71 27.63
C THR D 132 -28.07 17.83 26.24
N PHE D 133 -28.72 18.62 25.38
CA PHE D 133 -28.25 18.80 24.01
C PHE D 133 -26.85 19.43 23.98
N THR D 134 -26.00 18.92 23.09
CA THR D 134 -24.68 19.52 22.89
C THR D 134 -24.41 19.83 21.42
N ARG D 135 -24.52 18.83 20.53
CA ARG D 135 -24.31 19.03 19.10
C ARG D 135 -25.43 18.40 18.29
N GLY D 136 -25.65 18.98 17.10
CA GLY D 136 -26.23 18.26 16.00
C GLY D 136 -25.28 18.37 14.82
N PHE D 137 -25.46 17.49 13.84
CA PHE D 137 -24.54 17.52 12.70
C PHE D 137 -25.19 16.90 11.47
N ASP D 138 -24.60 17.20 10.31
CA ASP D 138 -25.03 16.65 9.05
C ASP D 138 -23.97 16.87 7.97
N GLN D 139 -23.21 15.83 7.63
CA GLN D 139 -22.11 15.92 6.68
C GLN D 139 -22.37 14.97 5.51
N SER D 140 -21.88 15.35 4.32
CA SER D 140 -21.99 14.49 3.15
C SER D 140 -20.64 14.38 2.42
N ALA D 141 -20.46 13.23 1.79
CA ALA D 141 -19.27 12.97 1.01
C ALA D 141 -19.66 12.48 -0.37
N TYR D 142 -18.82 12.81 -1.34
CA TYR D 142 -18.95 12.27 -2.68
C TYR D 142 -17.63 11.62 -3.08
N ASP D 143 -17.69 10.34 -3.50
CA ASP D 143 -16.52 9.57 -3.97
C ASP D 143 -15.38 9.56 -2.96
N GLY D 144 -15.74 9.48 -1.67
CA GLY D 144 -14.76 9.39 -0.62
C GLY D 144 -14.42 10.69 0.09
N ARG D 145 -14.59 11.84 -0.54
CA ARG D 145 -14.18 13.11 0.08
C ARG D 145 -15.37 13.92 0.57
N ASP D 146 -15.11 14.72 1.59
CA ASP D 146 -16.06 15.72 2.04
C ASP D 146 -16.63 16.52 0.86
N TYR D 147 -17.96 16.63 0.82
CA TYR D 147 -18.59 17.44 -0.22
C TYR D 147 -19.35 18.64 0.33
N ILE D 148 -20.23 18.43 1.30
CA ILE D 148 -20.94 19.54 1.90
C ILE D 148 -21.35 19.15 3.31
N SER D 149 -21.48 20.13 4.19
CA SER D 149 -21.82 19.84 5.57
C SER D 149 -22.56 21.03 6.17
N LEU D 150 -23.39 20.74 7.18
CA LEU D 150 -24.27 21.74 7.77
C LEU D 150 -23.54 22.49 8.87
N ASP D 151 -23.37 23.80 8.70
CA ASP D 151 -22.80 24.66 9.75
C ASP D 151 -23.94 25.01 10.71
N THR D 152 -23.96 24.38 11.88
CA THR D 152 -25.11 24.59 12.77
C THR D 152 -25.09 25.90 13.52
N ASP D 153 -24.01 26.65 13.51
CA ASP D 153 -24.11 27.84 14.32
C ASP D 153 -24.96 28.90 13.63
N THR D 154 -25.14 28.81 12.32
CA THR D 154 -26.07 29.68 11.60
C THR D 154 -27.03 28.93 10.67
N TYR D 155 -26.85 27.62 10.51
CA TYR D 155 -27.66 26.78 9.62
C TYR D 155 -27.48 27.22 8.16
N THR D 156 -26.22 27.18 7.75
CA THR D 156 -25.81 27.35 6.38
C THR D 156 -24.98 26.13 5.98
N TRP D 157 -24.78 25.99 4.68
CA TRP D 157 -24.12 24.84 4.10
C TRP D 157 -22.71 25.24 3.70
N THR D 158 -21.73 24.53 4.22
CA THR D 158 -20.33 24.76 3.88
C THR D 158 -19.95 23.83 2.74
N ALA D 159 -19.55 24.41 1.62
CA ALA D 159 -19.08 23.61 0.48
C ALA D 159 -17.63 23.26 0.77
N THR D 160 -17.40 22.02 1.17
CA THR D 160 -16.06 21.56 1.51
C THR D 160 -15.29 21.02 0.31
N ALA D 161 -15.95 20.84 -0.82
CA ALA D 161 -15.41 20.65 -2.15
C ALA D 161 -15.96 21.77 -3.03
N PRO D 162 -15.14 22.36 -3.92
CA PRO D 162 -15.64 23.51 -4.68
C PRO D 162 -16.85 23.20 -5.53
N GLN D 163 -16.95 21.98 -6.04
CA GLN D 163 -18.12 21.58 -6.81
C GLN D 163 -19.41 21.75 -6.01
N ALA D 164 -19.34 21.63 -4.68
CA ALA D 164 -20.53 21.68 -3.83
C ALA D 164 -21.22 23.03 -3.83
N VAL D 165 -20.57 24.06 -4.36
CA VAL D 165 -21.20 25.37 -4.44
C VAL D 165 -22.53 25.32 -5.19
N ASN D 166 -22.62 24.49 -6.24
CA ASN D 166 -23.89 24.29 -6.95
C ASN D 166 -25.00 23.81 -6.00
N THR D 167 -24.66 22.91 -5.07
CA THR D 167 -25.63 22.47 -4.09
C THR D 167 -25.87 23.55 -3.04
N LYS D 168 -24.80 24.16 -2.53
CA LYS D 168 -24.93 25.27 -1.57
C LYS D 168 -25.94 26.30 -2.06
N ARG D 169 -25.79 26.75 -3.31
CA ARG D 169 -26.67 27.79 -3.82
C ARG D 169 -28.12 27.32 -3.84
N LYS D 170 -28.40 26.12 -4.37
CA LYS D 170 -29.78 25.60 -4.34
C LYS D 170 -30.34 25.59 -2.91
N TRP D 171 -29.62 24.98 -1.97
CA TRP D 171 -30.20 24.77 -0.64
C TRP D 171 -30.35 26.08 0.14
N GLU D 172 -29.39 26.99 -0.01
CA GLU D 172 -29.43 28.18 0.82
C GLU D 172 -30.50 29.14 0.36
N ALA D 173 -30.95 29.00 -0.90
CA ALA D 173 -32.04 29.81 -1.44
C ALA D 173 -33.40 29.44 -0.86
N ASP D 174 -33.46 28.42 0.03
CA ASP D 174 -34.72 27.98 0.64
C ASP D 174 -34.49 27.73 2.14
N ARG D 175 -34.56 28.79 2.94
CA ARG D 175 -34.23 28.68 4.35
C ARG D 175 -35.19 27.81 5.13
N SER D 176 -36.32 27.41 4.57
CA SER D 176 -37.09 26.37 5.25
C SER D 176 -36.31 25.07 5.32
N ILE D 177 -35.33 24.86 4.44
CA ILE D 177 -34.49 23.68 4.57
C ILE D 177 -33.68 23.75 5.85
N ALA D 178 -33.10 24.92 6.15
CA ALA D 178 -32.33 25.07 7.38
C ALA D 178 -33.22 24.95 8.61
N GLU D 179 -34.42 25.55 8.58
CA GLU D 179 -35.30 25.43 9.73
C GLU D 179 -35.70 23.97 9.94
N GLY D 180 -35.97 23.24 8.86
CA GLY D 180 -36.23 21.82 9.00
C GLY D 180 -35.09 21.11 9.71
N TRP D 181 -33.86 21.41 9.31
CA TRP D 181 -32.74 20.78 9.99
C TRP D 181 -32.62 21.26 11.43
N LYS D 182 -32.89 22.55 11.70
CA LYS D 182 -32.77 23.01 13.08
C LYS D 182 -33.78 22.31 13.95
N ALA D 183 -35.03 22.24 13.50
CA ALA D 183 -36.08 21.58 14.27
C ALA D 183 -35.79 20.10 14.42
N TYR D 184 -35.22 19.48 13.39
CA TYR D 184 -34.88 18.07 13.48
C TYR D 184 -33.75 17.85 14.48
N LEU D 185 -32.62 18.55 14.28
CA LEU D 185 -31.44 18.26 15.07
C LEU D 185 -31.65 18.65 16.54
N GLU D 186 -32.32 19.77 16.80
CA GLU D 186 -32.37 20.28 18.18
C GLU D 186 -33.58 19.81 18.97
N GLU D 187 -34.63 19.32 18.30
CA GLU D 187 -35.78 18.80 19.04
C GLU D 187 -36.13 17.38 18.64
N THR D 188 -36.60 17.18 17.40
CA THR D 188 -37.05 15.85 16.98
C THR D 188 -36.02 14.78 17.31
N CYS D 189 -34.76 15.02 16.95
CA CYS D 189 -33.72 14.02 17.18
C CYS D 189 -33.51 13.78 18.66
N VAL D 190 -33.59 14.83 19.48
CA VAL D 190 -33.25 14.64 20.88
C VAL D 190 -34.38 13.93 21.61
N LEU D 191 -35.64 14.22 21.24
CA LEU D 191 -36.74 13.51 21.89
C LEU D 191 -36.67 12.02 21.60
N TRP D 192 -36.43 11.67 20.34
CA TRP D 192 -36.33 10.25 19.99
C TRP D 192 -35.15 9.59 20.70
N LEU D 193 -34.01 10.26 20.79
CA LEU D 193 -32.88 9.65 21.48
C LEU D 193 -33.24 9.35 22.93
N LYS D 194 -33.93 10.28 23.60
CA LYS D 194 -34.50 10.01 24.91
C LYS D 194 -35.34 8.74 24.87
N LYS D 195 -36.38 8.73 24.02
CA LYS D 195 -37.27 7.58 23.97
C LYS D 195 -36.49 6.28 23.72
N TYR D 196 -35.55 6.30 22.78
CA TYR D 196 -34.74 5.12 22.53
C TYR D 196 -33.96 4.73 23.78
N LEU D 197 -33.35 5.71 24.45
CA LEU D 197 -32.58 5.41 25.65
C LEU D 197 -33.47 4.78 26.73
N GLU D 198 -34.69 5.26 26.88
CA GLU D 198 -35.65 4.58 27.76
C GLU D 198 -35.92 3.16 27.27
N MET D 199 -36.27 3.01 25.98
CA MET D 199 -36.69 1.71 25.47
C MET D 199 -35.61 0.65 25.60
N GLY D 200 -34.35 1.04 25.57
CA GLY D 200 -33.27 0.08 25.57
C GLY D 200 -32.52 0.15 26.87
N LYS D 201 -33.21 0.67 27.90
CA LYS D 201 -32.71 0.96 29.25
C LYS D 201 -31.71 -0.09 29.73
N ASP D 202 -31.98 -1.38 29.46
CA ASP D 202 -31.08 -2.42 29.93
C ASP D 202 -29.88 -2.60 28.99
N THR D 203 -30.14 -2.89 27.72
CA THR D 203 -29.03 -3.24 26.81
C THR D 203 -28.08 -2.07 26.60
N LEU D 204 -28.57 -0.83 26.65
CA LEU D 204 -27.82 0.29 26.10
C LEU D 204 -26.66 0.70 26.99
N GLY D 205 -26.88 0.77 28.30
CA GLY D 205 -25.84 1.15 29.24
C GLY D 205 -24.96 0.02 29.72
N ARG D 206 -25.28 -1.22 29.33
CA ARG D 206 -24.53 -2.40 29.76
C ARG D 206 -23.03 -2.17 29.56
N THR D 207 -22.23 -2.71 30.48
CA THR D 207 -20.78 -2.57 30.44
C THR D 207 -20.17 -3.93 30.76
N ASP D 208 -19.50 -4.51 29.76
CA ASP D 208 -18.84 -5.80 29.87
C ASP D 208 -17.34 -5.56 29.93
N PRO D 209 -16.65 -5.93 31.00
CA PRO D 209 -15.22 -5.70 31.06
C PRO D 209 -14.46 -6.80 30.35
N PRO D 210 -13.28 -6.50 29.84
CA PRO D 210 -12.52 -7.51 29.10
C PRO D 210 -11.91 -8.55 30.01
N SER D 211 -11.76 -9.76 29.48
CA SER D 211 -10.77 -10.68 29.98
C SER D 211 -9.51 -10.52 29.12
N ALA D 212 -8.35 -10.86 29.70
CA ALA D 212 -7.10 -10.54 29.03
C ALA D 212 -6.02 -11.58 29.34
N ARG D 213 -5.24 -11.91 28.32
CA ARG D 213 -4.18 -12.89 28.40
C ARG D 213 -2.93 -12.27 27.81
N VAL D 214 -1.81 -12.97 27.98
CA VAL D 214 -0.60 -12.71 27.25
C VAL D 214 -0.15 -14.02 26.63
N THR D 215 0.12 -14.02 25.33
CA THR D 215 0.63 -15.21 24.65
C THR D 215 2.07 -14.98 24.22
N HIS D 216 2.78 -16.09 24.06
CA HIS D 216 4.22 -16.12 23.80
C HIS D 216 4.45 -16.76 22.45
N HIS D 217 5.37 -16.21 21.67
CA HIS D 217 5.65 -16.70 20.33
C HIS D 217 7.11 -16.47 19.97
N THR D 218 7.67 -17.43 19.24
CA THR D 218 9.03 -17.33 18.76
C THR D 218 9.02 -17.12 17.25
N ASP D 219 9.71 -16.09 16.80
CA ASP D 219 9.87 -15.78 15.38
C ASP D 219 10.82 -16.79 14.75
N PRO D 220 11.18 -16.65 13.47
CA PRO D 220 12.31 -17.45 12.95
C PRO D 220 13.62 -17.12 13.66
N ASN D 221 13.99 -15.84 13.66
CA ASN D 221 15.29 -15.35 14.12
C ASN D 221 15.47 -15.38 15.64
N GLY D 222 14.96 -16.42 16.31
CA GLY D 222 15.09 -16.53 17.74
C GLY D 222 14.37 -15.49 18.57
N ASP D 223 13.91 -14.39 17.97
CA ASP D 223 13.25 -13.33 18.73
C ASP D 223 11.89 -13.79 19.27
N VAL D 224 11.40 -13.05 20.27
CA VAL D 224 10.24 -13.44 21.05
C VAL D 224 9.17 -12.37 20.94
N THR D 225 7.92 -12.79 20.77
CA THR D 225 6.80 -11.86 20.74
C THR D 225 5.85 -12.12 21.90
N LEU D 226 5.54 -11.07 22.65
CA LEU D 226 4.47 -11.10 23.64
C LEU D 226 3.28 -10.37 23.06
N ARG D 227 2.14 -11.03 23.02
CA ARG D 227 0.90 -10.46 22.49
C ARG D 227 -0.10 -10.36 23.64
N CYS D 228 -0.58 -9.18 23.88
CA CYS D 228 -1.48 -8.89 24.99
C CYS D 228 -2.89 -8.82 24.43
N ARG D 229 -3.73 -9.78 24.81
CA ARG D 229 -5.01 -10.00 24.15
C ARG D 229 -6.16 -9.69 25.10
N ALA D 230 -6.99 -8.72 24.74
CA ALA D 230 -8.24 -8.42 25.42
C ALA D 230 -9.42 -8.92 24.58
N GLN D 231 -10.55 -9.14 25.24
CA GLN D 231 -11.65 -9.85 24.58
C GLN D 231 -12.92 -9.75 25.42
N ASP D 232 -14.05 -9.92 24.74
CA ASP D 232 -15.38 -9.93 25.34
C ASP D 232 -15.71 -8.65 26.10
N PHE D 233 -15.20 -7.52 25.65
CA PHE D 233 -15.51 -6.24 26.27
C PHE D 233 -16.43 -5.41 25.39
N TYR D 234 -17.25 -4.60 26.06
CA TYR D 234 -18.14 -3.62 25.49
C TYR D 234 -18.19 -2.47 26.48
N PRO D 235 -18.11 -1.21 26.03
CA PRO D 235 -18.00 -0.78 24.64
C PRO D 235 -16.60 -0.99 24.09
N ALA D 236 -16.36 -0.57 22.84
CA ALA D 236 -15.13 -0.87 22.12
C ALA D 236 -13.97 0.04 22.52
N ASP D 237 -14.22 1.07 23.31
CA ASP D 237 -13.12 1.91 23.73
C ASP D 237 -12.22 1.14 24.68
N ILE D 238 -10.91 1.25 24.49
CA ILE D 238 -10.00 0.49 25.33
C ILE D 238 -8.57 0.95 25.06
N SER D 239 -7.74 0.95 26.10
CA SER D 239 -6.33 1.26 25.97
C SER D 239 -5.52 0.01 26.28
N LEU D 240 -4.62 -0.33 25.37
CA LEU D 240 -3.64 -1.39 25.60
C LEU D 240 -2.26 -0.80 25.42
N MET D 241 -1.38 -1.05 26.39
CA MET D 241 -0.11 -0.35 26.44
C MET D 241 0.96 -1.30 26.96
N TRP D 242 2.11 -1.33 26.29
CA TRP D 242 3.25 -2.13 26.72
C TRP D 242 4.25 -1.22 27.42
N LEU D 243 4.54 -1.53 28.68
CA LEU D 243 5.57 -0.88 29.46
C LEU D 243 6.79 -1.78 29.50
N ARG D 244 7.97 -1.19 29.39
CA ARG D 244 9.23 -1.88 29.64
C ARG D 244 9.87 -1.19 30.83
N ASP D 245 9.94 -1.91 31.96
CA ASP D 245 10.42 -1.37 33.22
C ASP D 245 9.73 -0.06 33.59
N GLY D 246 8.55 0.20 33.04
CA GLY D 246 7.74 1.35 33.39
C GLY D 246 7.53 2.34 32.26
N GLU D 247 8.43 2.35 31.27
CA GLU D 247 8.29 3.28 30.15
C GLU D 247 7.42 2.67 29.06
N GLU D 248 6.58 3.51 28.44
CA GLU D 248 5.71 3.03 27.35
C GLU D 248 6.54 2.77 26.12
N GLN D 249 6.60 1.51 25.70
CA GLN D 249 7.38 1.11 24.53
C GLN D 249 6.44 1.21 23.33
N LEU D 250 6.26 2.44 22.86
CA LEU D 250 5.56 2.69 21.61
C LEU D 250 6.48 2.56 20.39
N GLN D 251 7.74 2.16 20.61
CA GLN D 251 8.68 1.88 19.53
C GLN D 251 8.24 0.66 18.75
N ASP D 252 8.73 -0.51 19.17
CA ASP D 252 8.48 -1.76 18.45
C ASP D 252 7.20 -2.44 18.96
N THR D 253 6.07 -1.80 18.70
CA THR D 253 4.78 -2.24 19.20
C THR D 253 3.76 -2.35 18.08
N GLU D 254 3.26 -3.56 17.84
CA GLU D 254 2.23 -3.81 16.84
C GLU D 254 0.85 -3.77 17.49
N PHE D 255 -0.07 -3.01 16.92
CA PHE D 255 -1.45 -2.97 17.35
C PHE D 255 -2.35 -3.54 16.27
N ILE D 256 -3.59 -3.78 16.64
CA ILE D 256 -4.61 -4.12 15.67
C ILE D 256 -5.82 -3.27 15.97
N GLU D 257 -6.61 -3.01 14.93
CA GLU D 257 -7.84 -2.28 15.11
C GLU D 257 -8.79 -3.09 15.99
N THR D 258 -9.39 -2.43 16.96
CA THR D 258 -10.47 -3.06 17.71
C THR D 258 -11.48 -3.65 16.72
N ARG D 259 -11.83 -4.92 16.92
CA ARG D 259 -12.62 -5.61 15.91
C ARG D 259 -13.82 -6.25 16.57
N PRO D 260 -14.91 -6.43 15.84
CA PRO D 260 -16.10 -7.04 16.44
C PRO D 260 -15.97 -8.55 16.50
N ALA D 261 -16.38 -9.11 17.62
CA ALA D 261 -16.46 -10.56 17.71
C ALA D 261 -17.69 -11.10 17.02
N GLY D 262 -18.70 -10.24 16.81
CA GLY D 262 -19.92 -10.63 16.15
C GLY D 262 -21.03 -11.05 17.07
N ASP D 263 -20.83 -10.93 18.38
CA ASP D 263 -21.85 -11.24 19.39
C ASP D 263 -22.24 -10.00 20.19
N GLY D 264 -21.71 -8.82 19.83
CA GLY D 264 -21.89 -7.61 20.58
C GLY D 264 -20.62 -7.11 21.29
N THR D 265 -19.68 -8.02 21.57
CA THR D 265 -18.47 -7.61 22.25
C THR D 265 -17.35 -7.33 21.24
N PHE D 266 -16.18 -6.95 21.74
CA PHE D 266 -15.08 -6.57 20.86
C PHE D 266 -13.79 -7.22 21.35
N GLN D 267 -12.78 -7.21 20.48
CA GLN D 267 -11.48 -7.80 20.75
C GLN D 267 -10.40 -6.85 20.31
N LYS D 268 -9.23 -7.00 20.91
CA LYS D 268 -8.08 -6.21 20.51
C LYS D 268 -6.84 -6.84 21.10
N TRP D 269 -5.72 -6.75 20.40
CA TRP D 269 -4.46 -7.16 21.01
C TRP D 269 -3.35 -6.19 20.60
N ALA D 270 -2.22 -6.33 21.29
CA ALA D 270 -1.05 -5.52 21.03
C ALA D 270 0.17 -6.38 21.28
N ALA D 271 1.19 -6.22 20.45
CA ALA D 271 2.32 -7.13 20.46
C ALA D 271 3.63 -6.35 20.48
N VAL D 272 4.65 -6.99 21.03
CA VAL D 272 5.95 -6.34 21.19
C VAL D 272 7.01 -7.42 21.08
N GLN D 273 8.13 -7.05 20.47
CA GLN D 273 9.22 -7.98 20.24
C GLN D 273 10.41 -7.67 21.15
N MET D 274 11.16 -8.71 21.45
CA MET D 274 12.31 -8.65 22.36
C MET D 274 13.17 -9.87 22.09
N THR D 275 14.34 -9.90 22.75
CA THR D 275 15.21 -11.06 22.70
C THR D 275 14.97 -11.95 23.91
N PRO D 276 15.14 -13.27 23.79
CA PRO D 276 14.69 -14.18 24.86
C PRO D 276 15.34 -13.84 26.19
N GLY D 277 14.58 -14.09 27.27
CA GLY D 277 15.00 -13.75 28.60
C GLY D 277 14.59 -12.36 29.06
N GLN D 278 14.26 -11.47 28.13
CA GLN D 278 13.81 -10.13 28.51
C GLN D 278 12.33 -10.08 28.87
N GLU D 279 11.61 -11.19 28.69
CA GLU D 279 10.15 -11.21 28.84
C GLU D 279 9.69 -10.70 30.19
N GLY D 280 10.48 -10.92 31.24
CA GLY D 280 10.09 -10.48 32.58
C GLY D 280 10.01 -8.98 32.75
N LYS D 281 10.62 -8.22 31.85
CA LYS D 281 10.65 -6.78 31.99
C LYS D 281 9.45 -6.07 31.38
N TYR D 282 8.49 -6.79 30.80
CA TYR D 282 7.39 -6.17 30.08
C TYR D 282 6.07 -6.38 30.79
N THR D 283 5.25 -5.35 30.77
CA THR D 283 3.94 -5.38 31.39
C THR D 283 2.97 -4.68 30.45
N CYS D 284 1.80 -5.28 30.24
CA CYS D 284 0.75 -4.71 29.40
C CYS D 284 -0.34 -4.14 30.28
N ARG D 285 -0.57 -2.84 30.20
CA ARG D 285 -1.64 -2.21 30.95
C ARG D 285 -2.90 -2.13 30.09
N VAL D 286 -4.03 -2.47 30.70
CA VAL D 286 -5.31 -2.58 30.04
C VAL D 286 -6.30 -1.71 30.78
N GLN D 287 -6.80 -0.67 30.11
CA GLN D 287 -7.76 0.24 30.71
C GLN D 287 -9.10 0.15 29.97
N HIS D 288 -10.19 0.06 30.73
CA HIS D 288 -11.51 -0.05 30.13
C HIS D 288 -12.56 0.38 31.14
N GLU D 289 -13.67 0.90 30.61
CA GLU D 289 -14.80 1.36 31.42
C GLU D 289 -15.29 0.32 32.42
N GLY D 290 -15.12 -0.96 32.13
CA GLY D 290 -15.66 -1.99 33.00
C GLY D 290 -14.73 -2.44 34.09
N LEU D 291 -13.52 -1.90 34.13
CA LEU D 291 -12.50 -2.31 35.08
C LEU D 291 -12.44 -1.31 36.22
N PRO D 292 -12.72 -1.73 37.46
CA PRO D 292 -12.43 -0.88 38.64
C PRO D 292 -11.07 -0.22 38.53
N GLU D 293 -10.01 -1.03 38.60
CA GLU D 293 -8.67 -0.50 38.41
C GLU D 293 -8.04 -1.11 37.15
N PRO D 294 -7.10 -0.41 36.53
CA PRO D 294 -6.43 -0.95 35.33
C PRO D 294 -5.78 -2.29 35.58
N LEU D 295 -5.70 -3.09 34.52
CA LEU D 295 -5.11 -4.41 34.59
C LEU D 295 -3.66 -4.34 34.19
N SER D 296 -2.85 -5.12 34.88
CA SER D 296 -1.41 -5.18 34.64
C SER D 296 -1.10 -6.64 34.32
N LEU D 297 -0.75 -6.93 33.07
CA LEU D 297 -0.62 -8.31 32.61
C LEU D 297 0.82 -8.66 32.32
N LYS D 298 1.21 -9.88 32.66
CA LYS D 298 2.57 -10.32 32.39
C LYS D 298 2.53 -11.72 31.82
N TRP D 299 3.63 -12.09 31.17
CA TRP D 299 3.85 -13.43 30.64
C TRP D 299 4.26 -14.38 31.75
N ILE E 1 -10.30 9.49 -2.13
CA ILE E 1 -11.06 8.65 -3.06
C ILE E 1 -10.85 7.18 -2.68
N GLN E 2 -9.93 6.44 -3.31
CA GLN E 2 -9.82 4.98 -3.09
C GLN E 2 -9.00 4.62 -1.84
N ARG E 3 -9.51 3.72 -1.01
CA ARG E 3 -8.83 3.27 0.20
C ARG E 3 -8.82 1.74 0.26
N THR E 4 -7.65 1.17 0.51
CA THR E 4 -7.46 -0.28 0.44
C THR E 4 -7.93 -0.94 1.75
N PRO E 5 -8.62 -2.07 1.68
CA PRO E 5 -9.11 -2.71 2.90
C PRO E 5 -7.99 -3.26 3.76
N LYS E 6 -8.16 -3.15 5.07
CA LYS E 6 -7.38 -3.96 5.98
C LYS E 6 -8.22 -5.15 6.37
N ILE E 7 -7.55 -6.30 6.57
CA ILE E 7 -8.22 -7.60 6.66
C ILE E 7 -7.76 -8.31 7.92
N GLN E 8 -8.72 -8.90 8.63
CA GLN E 8 -8.44 -9.70 9.81
C GLN E 8 -9.29 -10.96 9.78
N VAL E 9 -8.65 -12.11 10.02
CA VAL E 9 -9.33 -13.41 10.16
C VAL E 9 -9.15 -13.89 11.59
N TYR E 10 -10.24 -14.36 12.18
CA TYR E 10 -10.18 -14.71 13.60
C TYR E 10 -11.48 -15.38 13.97
N SER E 11 -11.47 -16.05 15.11
CA SER E 11 -12.67 -16.69 15.60
C SER E 11 -13.32 -15.82 16.68
N ARG E 12 -14.65 -15.98 16.81
CA ARG E 12 -15.43 -15.22 17.77
C ARG E 12 -15.03 -15.55 19.20
N HIS E 13 -14.93 -16.83 19.50
CA HIS E 13 -14.42 -17.38 20.75
C HIS E 13 -13.06 -17.99 20.51
N PRO E 14 -12.33 -18.32 21.58
CA PRO E 14 -11.04 -18.99 21.39
C PRO E 14 -11.25 -20.35 20.74
N ALA E 15 -10.31 -20.72 19.87
CA ALA E 15 -10.41 -21.94 19.09
C ALA E 15 -10.13 -23.17 19.96
N GLU E 16 -11.09 -24.10 19.98
CA GLU E 16 -10.90 -25.40 20.62
C GLU E 16 -11.44 -26.46 19.68
N ASN E 17 -10.59 -27.40 19.27
CA ASN E 17 -10.99 -28.38 18.26
C ASN E 17 -12.24 -29.13 18.69
N GLY E 18 -13.08 -29.49 17.71
CA GLY E 18 -14.32 -30.17 17.97
C GLY E 18 -15.44 -29.31 18.55
N LYS E 19 -15.15 -28.07 18.93
CA LYS E 19 -16.17 -27.17 19.47
C LYS E 19 -16.73 -26.24 18.37
N SER E 20 -18.05 -26.15 18.30
CA SER E 20 -18.67 -25.21 17.37
C SER E 20 -18.32 -23.78 17.77
N ASN E 21 -18.25 -22.89 16.77
CA ASN E 21 -17.65 -21.56 16.90
C ASN E 21 -18.07 -20.73 15.68
N PHE E 22 -17.51 -19.53 15.54
CA PHE E 22 -17.75 -18.70 14.36
C PHE E 22 -16.42 -18.19 13.84
N LEU E 23 -16.22 -18.35 12.53
CA LEU E 23 -15.06 -17.80 11.85
C LEU E 23 -15.42 -16.42 11.29
N ASN E 24 -14.53 -15.45 11.50
CA ASN E 24 -14.78 -14.05 11.18
C ASN E 24 -13.74 -13.55 10.20
N CYS E 25 -14.21 -12.83 9.18
CA CYS E 25 -13.36 -12.02 8.32
C CYS E 25 -13.88 -10.59 8.39
N TYR E 26 -13.08 -9.70 8.98
CA TYR E 26 -13.45 -8.31 9.17
C TYR E 26 -12.64 -7.49 8.19
N VAL E 27 -13.32 -6.71 7.36
CA VAL E 27 -12.68 -5.81 6.40
C VAL E 27 -13.14 -4.39 6.71
N SER E 28 -12.20 -3.46 6.74
CA SER E 28 -12.48 -2.15 7.28
C SER E 28 -11.56 -1.11 6.64
N GLY E 29 -12.00 0.15 6.63
CA GLY E 29 -11.19 1.22 6.09
C GLY E 29 -11.04 1.18 4.58
N PHE E 30 -12.03 0.68 3.85
CA PHE E 30 -11.91 0.62 2.40
C PHE E 30 -12.92 1.56 1.75
N HIS E 31 -12.66 1.87 0.47
CA HIS E 31 -13.47 2.78 -0.33
C HIS E 31 -13.10 2.60 -1.78
N PRO E 32 -14.07 2.41 -2.68
CA PRO E 32 -15.51 2.43 -2.43
C PRO E 32 -15.98 1.15 -1.76
N SER E 33 -17.29 1.01 -1.61
CA SER E 33 -17.86 -0.05 -0.80
C SER E 33 -17.99 -1.40 -1.49
N ASP E 34 -17.66 -1.52 -2.77
CA ASP E 34 -17.87 -2.83 -3.38
C ASP E 34 -16.65 -3.69 -3.07
N ILE E 35 -16.90 -4.82 -2.40
CA ILE E 35 -15.85 -5.67 -1.87
C ILE E 35 -16.33 -7.12 -1.95
N GLU E 36 -15.43 -7.98 -2.42
CA GLU E 36 -15.67 -9.39 -2.58
C GLU E 36 -14.92 -10.13 -1.50
N VAL E 37 -15.63 -10.89 -0.69
CA VAL E 37 -15.08 -11.50 0.51
C VAL E 37 -15.54 -12.94 0.57
N ASP E 38 -14.61 -13.87 0.53
CA ASP E 38 -14.92 -15.29 0.61
C ASP E 38 -14.17 -15.93 1.77
N LEU E 39 -14.86 -16.82 2.47
CA LEU E 39 -14.28 -17.64 3.53
C LEU E 39 -13.97 -19.02 2.96
N LEU E 40 -12.71 -19.44 3.10
CA LEU E 40 -12.22 -20.70 2.55
C LEU E 40 -11.95 -21.72 3.64
N LYS E 41 -12.24 -22.98 3.34
CA LYS E 41 -11.78 -24.13 4.11
C LYS E 41 -10.96 -25.00 3.18
N ASN E 42 -9.67 -25.14 3.48
CA ASN E 42 -8.73 -25.91 2.66
C ASN E 42 -8.77 -25.46 1.21
N GLY E 43 -8.88 -24.15 1.02
CA GLY E 43 -8.90 -23.53 -0.30
C GLY E 43 -10.25 -23.56 -1.02
N GLU E 44 -11.30 -24.09 -0.38
CA GLU E 44 -12.58 -24.30 -1.03
C GLU E 44 -13.61 -23.34 -0.45
N ARG E 45 -14.36 -22.68 -1.33
CA ARG E 45 -15.31 -21.68 -0.89
C ARG E 45 -16.33 -22.30 0.06
N ILE E 46 -16.54 -21.64 1.21
CA ILE E 46 -17.65 -21.94 2.09
C ILE E 46 -18.89 -21.19 1.59
N GLU E 47 -20.03 -21.86 1.55
CA GLU E 47 -21.21 -21.26 0.95
C GLU E 47 -22.10 -20.50 1.94
N LYS E 48 -22.34 -21.06 3.12
CA LYS E 48 -23.08 -20.35 4.17
C LYS E 48 -22.16 -19.29 4.75
N VAL E 49 -22.34 -18.03 4.33
CA VAL E 49 -21.54 -16.91 4.82
C VAL E 49 -22.44 -15.69 4.88
N GLU E 50 -22.79 -15.26 6.08
CA GLU E 50 -23.51 -14.01 6.30
C GLU E 50 -22.54 -12.85 6.50
N HIS E 51 -23.08 -11.63 6.51
CA HIS E 51 -22.25 -10.48 6.82
C HIS E 51 -23.09 -9.41 7.50
N SER E 52 -22.40 -8.52 8.23
CA SER E 52 -23.06 -7.40 8.89
C SER E 52 -23.52 -6.36 7.86
N ASP E 53 -24.40 -5.48 8.28
CA ASP E 53 -24.87 -4.42 7.38
C ASP E 53 -23.75 -3.41 7.14
N LEU E 54 -23.73 -2.88 5.93
CA LEU E 54 -22.67 -1.95 5.57
C LEU E 54 -22.74 -0.70 6.43
N SER E 55 -21.64 -0.37 7.07
CA SER E 55 -21.52 0.85 7.85
C SER E 55 -20.20 1.53 7.46
N PHE E 56 -20.03 2.78 7.89
CA PHE E 56 -18.78 3.48 7.63
C PHE E 56 -18.38 4.34 8.83
N SER E 57 -17.14 4.81 8.81
CA SER E 57 -16.60 5.56 9.93
C SER E 57 -16.48 7.03 9.52
N LYS E 58 -15.80 7.85 10.34
CA LYS E 58 -15.94 9.29 10.15
C LYS E 58 -15.00 9.83 9.08
N ASP E 59 -14.09 9.01 8.57
CA ASP E 59 -13.35 9.34 7.37
C ASP E 59 -14.00 8.78 6.12
N TRP E 60 -15.23 8.28 6.25
CA TRP E 60 -16.09 7.77 5.18
C TRP E 60 -15.71 6.36 4.74
N SER E 61 -14.66 5.76 5.31
CA SER E 61 -14.29 4.41 4.91
C SER E 61 -15.27 3.37 5.46
N PHE E 62 -15.47 2.29 4.72
CA PHE E 62 -16.48 1.28 5.03
C PHE E 62 -15.90 0.12 5.82
N TYR E 63 -16.77 -0.55 6.57
CA TYR E 63 -16.36 -1.74 7.30
C TYR E 63 -17.49 -2.76 7.31
N LEU E 64 -17.11 -4.03 7.28
CA LEU E 64 -18.04 -5.16 7.27
C LEU E 64 -17.47 -6.36 8.03
N LEU E 65 -18.33 -7.07 8.74
CA LEU E 65 -17.96 -8.33 9.34
C LEU E 65 -18.58 -9.45 8.52
N TYR E 66 -17.74 -10.31 7.93
CA TYR E 66 -18.19 -11.55 7.28
C TYR E 66 -17.93 -12.73 8.20
N TYR E 67 -18.90 -13.64 8.30
CA TYR E 67 -18.75 -14.74 9.25
C TYR E 67 -19.53 -15.98 8.82
N THR E 68 -19.09 -17.11 9.35
CA THR E 68 -19.81 -18.37 9.19
C THR E 68 -19.56 -19.24 10.40
N GLU E 69 -20.54 -20.09 10.72
CA GLU E 69 -20.32 -21.09 11.75
C GLU E 69 -19.29 -22.10 11.28
N PHE E 70 -18.39 -22.50 12.17
CA PHE E 70 -17.44 -23.54 11.81
C PHE E 70 -17.01 -24.31 13.06
N THR E 71 -16.43 -25.48 12.83
CA THR E 71 -15.91 -26.33 13.89
C THR E 71 -14.45 -26.60 13.58
N PRO E 72 -13.52 -25.89 14.21
CA PRO E 72 -12.12 -26.07 13.86
C PRO E 72 -11.65 -27.47 14.25
N THR E 73 -10.60 -27.90 13.58
CA THR E 73 -9.95 -29.18 13.86
C THR E 73 -8.45 -28.93 13.79
N GLU E 74 -7.64 -29.93 14.14
CA GLU E 74 -6.21 -29.65 14.17
C GLU E 74 -5.61 -29.51 12.78
N LYS E 75 -6.22 -30.10 11.76
CA LYS E 75 -5.55 -30.16 10.47
C LYS E 75 -6.19 -29.32 9.38
N ASP E 76 -7.46 -28.93 9.51
CA ASP E 76 -8.12 -28.08 8.52
C ASP E 76 -7.53 -26.67 8.47
N GLU E 77 -7.35 -26.15 7.26
CA GLU E 77 -6.89 -24.79 7.00
C GLU E 77 -8.08 -23.87 6.75
N TYR E 78 -8.03 -22.66 7.29
CA TYR E 78 -9.05 -21.68 7.01
C TYR E 78 -8.42 -20.37 6.55
N ALA E 79 -9.13 -19.66 5.68
CA ALA E 79 -8.61 -18.40 5.17
C ALA E 79 -9.76 -17.51 4.72
N CYS E 80 -9.39 -16.25 4.44
CA CYS E 80 -10.29 -15.26 3.89
C CYS E 80 -9.70 -14.79 2.57
N ARG E 81 -10.55 -14.63 1.56
CA ARG E 81 -10.14 -14.17 0.23
C ARG E 81 -10.87 -12.86 -0.07
N VAL E 82 -10.13 -11.81 -0.39
CA VAL E 82 -10.71 -10.47 -0.51
C VAL E 82 -10.27 -9.86 -1.82
N ASN E 83 -11.21 -9.30 -2.56
CA ASN E 83 -10.80 -8.46 -3.67
C ASN E 83 -11.58 -7.16 -3.64
N HIS E 84 -10.96 -6.14 -4.23
CA HIS E 84 -11.38 -4.77 -4.12
C HIS E 84 -10.70 -4.01 -5.25
N VAL E 85 -11.31 -2.89 -5.67
CA VAL E 85 -10.73 -2.18 -6.79
C VAL E 85 -9.29 -1.76 -6.51
N THR E 86 -8.91 -1.63 -5.25
CA THR E 86 -7.55 -1.22 -4.94
C THR E 86 -6.56 -2.38 -4.94
N LEU E 87 -7.05 -3.62 -4.93
CA LEU E 87 -6.18 -4.79 -4.89
C LEU E 87 -5.94 -5.25 -6.32
N SER E 88 -4.67 -5.44 -6.68
CA SER E 88 -4.35 -5.88 -8.03
C SER E 88 -4.98 -7.25 -8.29
N GLN E 89 -4.85 -8.16 -7.34
CA GLN E 89 -5.40 -9.50 -7.47
C GLN E 89 -5.99 -9.88 -6.12
N PRO E 90 -6.74 -10.98 -6.00
CA PRO E 90 -7.31 -11.32 -4.69
C PRO E 90 -6.23 -11.60 -3.66
N LYS E 91 -6.49 -11.15 -2.43
CA LYS E 91 -5.57 -11.33 -1.32
C LYS E 91 -6.11 -12.39 -0.37
N ILE E 92 -5.31 -13.41 -0.11
CA ILE E 92 -5.67 -14.52 0.78
C ILE E 92 -4.92 -14.34 2.09
N VAL E 93 -5.67 -14.20 3.18
CA VAL E 93 -5.11 -14.15 4.52
C VAL E 93 -5.52 -15.44 5.22
N LYS E 94 -4.53 -16.23 5.62
CA LYS E 94 -4.79 -17.50 6.28
C LYS E 94 -5.10 -17.25 7.75
N TRP E 95 -6.05 -18.01 8.29
CA TRP E 95 -6.40 -17.92 9.70
C TRP E 95 -5.32 -18.56 10.55
N ASP E 96 -4.73 -17.78 11.43
CA ASP E 96 -3.73 -18.25 12.39
C ASP E 96 -4.38 -18.24 13.77
N ARG E 97 -4.33 -19.37 14.47
CA ARG E 97 -5.24 -19.61 15.59
C ARG E 97 -4.96 -18.73 16.80
N ASP E 98 -3.73 -18.25 16.97
CA ASP E 98 -3.45 -17.25 18.00
C ASP E 98 -2.99 -15.95 17.31
N MET E 99 -3.98 -15.21 16.82
CA MET E 99 -3.83 -13.96 16.07
C MET E 99 -5.24 -13.39 15.85
N CYS F 1 -35.62 8.89 14.38
CA CYS F 1 -36.37 9.21 13.17
C CYS F 1 -35.42 9.54 11.97
N ASN F 2 -35.67 8.95 10.80
CA ASN F 2 -34.97 9.38 9.58
C ASN F 2 -35.49 10.74 9.10
N VAL F 3 -34.61 11.53 8.47
CA VAL F 3 -34.94 12.85 7.91
C VAL F 3 -35.12 12.74 6.41
N THR F 4 -35.78 13.75 5.84
CA THR F 4 -35.99 13.85 4.41
C THR F 4 -34.89 14.70 3.80
N LEU F 5 -34.22 14.16 2.79
CA LEU F 5 -33.08 14.86 2.21
C LEU F 5 -33.55 15.70 1.03
N ASN F 6 -32.62 16.48 0.49
CA ASN F 6 -32.90 17.39 -0.61
C ASN F 6 -32.01 17.05 -1.79
N TYR F 7 -32.54 17.23 -3.00
CA TYR F 7 -31.73 17.01 -4.20
C TYR F 7 -30.56 18.00 -4.22
N PRO F 8 -29.32 17.53 -4.36
CA PRO F 8 -28.14 18.41 -4.46
C PRO F 8 -28.03 19.09 -5.85
#